data_8UFD
#
_entry.id   8UFD
#
_cell.length_a   1.00
_cell.length_b   1.00
_cell.length_c   1.00
_cell.angle_alpha   90.00
_cell.angle_beta   90.00
_cell.angle_gamma   90.00
#
_symmetry.space_group_name_H-M   'P 1'
#
loop_
_entity.id
_entity.type
_entity.pdbx_description
1 polymer 'Integral membrane efflux protein EFPA'
2 non-polymer PHOSPHATIDYLETHANOLAMINE
3 non-polymer (1S,3S)-N-[6-bromo-5-(pyrimidin-2-yl)pyridin-2-yl]-2,2-dimethyl-3-(2-methylpropyl)cyclopropane-1-carboxamide
#
_entity_poly.entity_id   1
_entity_poly.type   'polypeptide(L)'
_entity_poly.pdbx_seq_one_letter_code
;MTALNDTERAVRNWTAGRPHRPAPMRPPRSEETASERPSRYYPTWLPSRSFIAAVIAIGGMQLLATMDSTVAIVALPKIQ
NELSLSDAGRSWVITAYVLTFGGLMLLGGRLGDTIGRKRTFIVGVALFTISSVLCAVAWDEATLVIARLSQGVGSAIASP
TGLALVATTFPKGPARNAATAVFAAMTAIGSVMGLVVGGALTEVSWRWAFLVNVPIGLVMIYLARTALRETNKERMKLDA
TGAILATLACTAAVFAFSIGPEKGWMSGITIGSGLVALAAAVAFVIVERTAENPVVPFHLFRDRNRLVTFSAILLAGGVM
FSLTVCIGLYVQDILGYSALRAGVGFIPFVIAMGIGLGVSSQLVSRFSPRVLTIGGGYLLFGAMLYGSFFMHRGVPYFPN
LVMPIVVGGIGIGMAVVPLTLSAIAGVGFDQIGPVSAIALMLQSLGGPLVLAVIQAVITSRTLYLGGTTGPVKFMNDVQL
AALDHAYTYGLLWVAGAAIIVGGMALFIGYTPQQVAHAQEVKEAIDAGEL
;
_entity_poly.pdbx_strand_id   A,B
#
# COMPACT_ATOMS: atom_id res chain seq x y z
N TRP A 45 30.35 20.24 -4.44
CA TRP A 45 31.16 19.67 -5.51
C TRP A 45 32.60 19.51 -5.08
N LEU A 46 33.10 18.27 -5.16
CA LEU A 46 34.47 17.91 -4.78
C LEU A 46 34.77 18.39 -3.36
N PRO A 47 34.22 17.75 -2.33
CA PRO A 47 34.45 18.22 -0.96
C PRO A 47 35.88 18.01 -0.50
N SER A 48 36.16 18.35 0.76
CA SER A 48 37.50 18.23 1.29
C SER A 48 37.94 16.77 1.30
N ARG A 49 39.24 16.56 1.07
CA ARG A 49 39.79 15.20 1.07
C ARG A 49 39.62 14.57 2.45
N SER A 50 39.79 15.35 3.51
CA SER A 50 39.62 14.82 4.86
C SER A 50 38.20 14.32 5.08
N PHE A 51 37.20 15.06 4.59
CA PHE A 51 35.81 14.66 4.79
C PHE A 51 35.49 13.34 4.09
N ILE A 52 35.89 13.22 2.82
CA ILE A 52 35.60 12.00 2.07
C ILE A 52 36.37 10.83 2.65
N ALA A 53 37.61 11.05 3.07
CA ALA A 53 38.38 9.99 3.71
C ALA A 53 37.72 9.56 5.02
N ALA A 54 37.21 10.52 5.79
CA ALA A 54 36.55 10.19 7.05
C ALA A 54 35.28 9.38 6.82
N VAL A 55 34.46 9.78 5.86
CA VAL A 55 33.22 9.04 5.63
C VAL A 55 33.52 7.64 5.11
N ILE A 56 34.52 7.50 4.23
CA ILE A 56 34.88 6.18 3.74
C ILE A 56 35.40 5.31 4.88
N ALA A 57 36.27 5.87 5.73
CA ALA A 57 36.81 5.09 6.84
C ALA A 57 35.71 4.67 7.81
N ILE A 58 34.75 5.55 8.06
CA ILE A 58 33.69 5.23 9.02
C ILE A 58 32.77 4.16 8.46
N GLY A 59 32.36 4.28 7.20
CA GLY A 59 31.52 3.24 6.63
C GLY A 59 32.25 1.98 6.23
N GLY A 60 33.58 1.99 6.35
CA GLY A 60 34.38 0.85 5.95
C GLY A 60 34.03 -0.41 6.71
N MET A 61 33.66 -0.28 7.98
CA MET A 61 33.36 -1.49 8.74
C MET A 61 32.13 -2.20 8.19
N GLN A 62 31.04 -1.46 7.93
CA GLN A 62 29.87 -2.10 7.32
C GLN A 62 30.19 -2.64 5.93
N LEU A 63 30.93 -1.86 5.13
CA LEU A 63 31.31 -2.36 3.81
C LEU A 63 32.03 -3.70 3.92
N LEU A 64 33.07 -3.75 4.76
CA LEU A 64 33.88 -4.95 4.89
C LEU A 64 33.08 -6.11 5.46
N ALA A 65 32.27 -5.85 6.48
CA ALA A 65 31.51 -6.94 7.10
C ALA A 65 30.50 -7.53 6.13
N THR A 66 29.75 -6.67 5.44
CA THR A 66 28.74 -7.17 4.50
C THR A 66 29.41 -7.90 3.34
N MET A 67 30.51 -7.35 2.82
CA MET A 67 31.20 -8.00 1.72
C MET A 67 31.74 -9.37 2.15
N ASP A 68 32.32 -9.44 3.35
CA ASP A 68 32.84 -10.71 3.84
C ASP A 68 31.73 -11.72 4.06
N SER A 69 30.59 -11.28 4.61
CA SER A 69 29.47 -12.19 4.81
C SER A 69 28.95 -12.73 3.48
N THR A 70 28.84 -11.85 2.47
CA THR A 70 28.38 -12.30 1.16
C THR A 70 29.36 -13.27 0.54
N VAL A 71 30.67 -12.99 0.65
CA VAL A 71 31.67 -13.91 0.11
C VAL A 71 31.59 -15.26 0.82
N ALA A 72 31.40 -15.24 2.14
CA ALA A 72 31.29 -16.50 2.88
C ALA A 72 30.07 -17.30 2.43
N ILE A 73 28.93 -16.62 2.23
CA ILE A 73 27.73 -17.33 1.77
C ILE A 73 27.97 -17.92 0.38
N VAL A 74 28.60 -17.15 -0.52
CA VAL A 74 28.84 -17.64 -1.87
C VAL A 74 29.79 -18.83 -1.86
N ALA A 75 30.87 -18.75 -1.07
CA ALA A 75 31.92 -19.77 -1.09
C ALA A 75 31.69 -20.89 -0.08
N LEU A 76 30.55 -20.89 0.61
CA LEU A 76 30.26 -21.98 1.54
C LEU A 76 30.30 -23.37 0.91
N PRO A 77 29.65 -23.63 -0.24
CA PRO A 77 29.70 -25.00 -0.79
C PRO A 77 31.11 -25.48 -1.12
N LYS A 78 31.98 -24.59 -1.59
CA LYS A 78 33.34 -25.00 -1.92
C LYS A 78 34.12 -25.41 -0.68
N ILE A 79 33.88 -24.77 0.46
CA ILE A 79 34.54 -25.15 1.70
C ILE A 79 34.14 -26.57 2.08
N GLN A 80 32.86 -26.92 1.92
CA GLN A 80 32.40 -28.26 2.28
C GLN A 80 33.08 -29.32 1.43
N ASN A 81 33.25 -29.07 0.13
CA ASN A 81 33.84 -30.06 -0.75
C ASN A 81 35.33 -30.22 -0.48
N GLU A 82 36.05 -29.10 -0.34
CA GLU A 82 37.50 -29.17 -0.20
C GLU A 82 37.90 -29.71 1.16
N LEU A 83 37.27 -29.24 2.22
CA LEU A 83 37.64 -29.60 3.58
C LEU A 83 36.94 -30.86 4.06
N SER A 84 35.98 -31.38 3.29
CA SER A 84 35.16 -32.53 3.69
C SER A 84 34.41 -32.23 4.99
N LEU A 85 33.54 -31.24 4.91
CA LEU A 85 32.77 -30.75 6.04
C LEU A 85 31.36 -31.32 6.01
N SER A 86 30.78 -31.49 7.18
CA SER A 86 29.42 -32.00 7.31
C SER A 86 28.42 -30.84 7.32
N ASP A 87 27.13 -31.18 7.33
CA ASP A 87 26.10 -30.15 7.39
C ASP A 87 26.15 -29.38 8.71
N ALA A 88 26.57 -30.04 9.79
CA ALA A 88 26.76 -29.33 11.05
C ALA A 88 27.79 -28.21 10.88
N GLY A 89 28.91 -28.51 10.24
CA GLY A 89 29.88 -27.47 9.93
C GLY A 89 29.35 -26.44 8.96
N ARG A 90 28.53 -26.87 8.01
CA ARG A 90 27.88 -25.93 7.10
C ARG A 90 27.07 -24.90 7.87
N SER A 91 26.40 -25.33 8.94
CA SER A 91 25.73 -24.40 9.83
C SER A 91 26.75 -23.56 10.61
N TRP A 92 27.75 -24.23 11.19
CA TRP A 92 28.65 -23.57 12.14
C TRP A 92 29.43 -22.43 11.50
N VAL A 93 29.75 -22.55 10.21
CA VAL A 93 30.59 -21.55 9.55
C VAL A 93 29.97 -20.17 9.65
N ILE A 94 28.67 -20.05 9.38
CA ILE A 94 27.98 -18.78 9.54
C ILE A 94 27.49 -18.59 10.98
N THR A 95 27.24 -19.69 11.69
CA THR A 95 26.71 -19.59 13.04
C THR A 95 27.68 -18.88 13.98
N ALA A 96 28.96 -19.21 13.89
CA ALA A 96 29.94 -18.57 14.77
C ALA A 96 30.00 -17.07 14.54
N TYR A 97 30.07 -16.66 13.27
CA TYR A 97 30.16 -15.24 12.95
C TYR A 97 28.91 -14.50 13.40
N VAL A 98 27.73 -15.03 13.09
CA VAL A 98 26.51 -14.34 13.49
C VAL A 98 26.37 -14.35 15.01
N LEU A 99 26.82 -15.42 15.67
CA LEU A 99 26.78 -15.51 17.12
C LEU A 99 27.58 -14.39 17.75
N THR A 100 28.84 -14.23 17.35
CA THR A 100 29.67 -13.20 17.96
C THR A 100 29.35 -11.80 17.45
N PHE A 101 28.69 -11.70 16.29
CA PHE A 101 28.27 -10.38 15.82
C PHE A 101 27.06 -9.88 16.60
N GLY A 102 26.12 -10.78 16.91
CA GLY A 102 24.94 -10.37 17.65
C GLY A 102 25.11 -10.37 19.15
N GLY A 103 26.11 -11.11 19.65
CA GLY A 103 26.26 -11.22 21.09
C GLY A 103 26.96 -10.02 21.71
N LEU A 104 28.08 -9.60 21.12
CA LEU A 104 28.96 -8.62 21.73
C LEU A 104 28.77 -7.22 21.16
N MET A 105 27.74 -7.00 20.34
CA MET A 105 27.63 -5.71 19.64
C MET A 105 27.25 -4.59 20.60
N LEU A 106 26.41 -4.87 21.60
CA LEU A 106 26.12 -3.85 22.60
C LEU A 106 27.32 -3.58 23.48
N LEU A 107 28.05 -4.65 23.82
CA LEU A 107 29.34 -4.50 24.50
C LEU A 107 30.27 -3.62 23.69
N GLY A 108 30.32 -3.81 22.37
CA GLY A 108 31.12 -2.94 21.53
C GLY A 108 30.62 -1.50 21.52
N GLY A 109 29.29 -1.31 21.52
CA GLY A 109 28.75 0.04 21.52
C GLY A 109 29.13 0.82 22.76
N ARG A 110 29.05 0.18 23.93
CA ARG A 110 29.49 0.85 25.15
C ARG A 110 31.01 0.94 25.25
N LEU A 111 31.72 -0.06 24.73
CA LEU A 111 33.18 -0.03 24.75
C LEU A 111 33.71 1.10 23.89
N GLY A 112 32.96 1.50 22.86
CA GLY A 112 33.32 2.68 22.10
C GLY A 112 33.36 3.92 22.96
N ASP A 113 32.41 4.05 23.89
CA ASP A 113 32.40 5.19 24.79
C ASP A 113 33.48 5.07 25.86
N THR A 114 33.74 3.85 26.35
CA THR A 114 34.62 3.74 27.50
C THR A 114 36.10 3.85 27.15
N ILE A 115 36.49 3.65 25.89
CA ILE A 115 37.90 3.75 25.51
C ILE A 115 38.10 4.86 24.48
N GLY A 116 37.09 5.11 23.65
CA GLY A 116 37.23 6.08 22.58
C GLY A 116 36.85 5.49 21.23
N ARG A 117 35.95 6.16 20.53
CA ARG A 117 35.34 5.57 19.34
C ARG A 117 36.36 5.33 18.24
N LYS A 118 37.26 6.29 17.99
CA LYS A 118 38.28 6.09 16.97
C LYS A 118 39.16 4.89 17.30
N ARG A 119 39.61 4.80 18.55
CA ARG A 119 40.59 3.80 18.92
C ARG A 119 39.97 2.41 18.93
N THR A 120 38.74 2.29 19.43
CA THR A 120 38.05 1.00 19.38
C THR A 120 37.65 0.62 17.96
N PHE A 121 37.36 1.61 17.10
CA PHE A 121 37.12 1.29 15.70
C PHE A 121 38.38 0.72 15.06
N ILE A 122 39.53 1.31 15.36
CA ILE A 122 40.79 0.77 14.86
C ILE A 122 40.99 -0.65 15.36
N VAL A 123 40.75 -0.88 16.65
CA VAL A 123 40.91 -2.21 17.22
C VAL A 123 39.99 -3.21 16.54
N GLY A 124 38.72 -2.84 16.34
CA GLY A 124 37.76 -3.76 15.75
C GLY A 124 38.10 -4.11 14.31
N VAL A 125 38.46 -3.11 13.51
CA VAL A 125 38.80 -3.39 12.12
C VAL A 125 40.08 -4.21 12.02
N ALA A 126 41.06 -3.90 12.88
CA ALA A 126 42.29 -4.68 12.88
C ALA A 126 42.02 -6.13 13.28
N LEU A 127 41.16 -6.34 14.28
CA LEU A 127 40.81 -7.70 14.69
C LEU A 127 40.10 -8.44 13.57
N PHE A 128 39.18 -7.77 12.87
CA PHE A 128 38.50 -8.40 11.75
C PHE A 128 39.49 -8.79 10.65
N THR A 129 40.44 -7.90 10.35
CA THR A 129 41.43 -8.20 9.32
C THR A 129 42.30 -9.39 9.72
N ILE A 130 42.76 -9.42 10.98
CA ILE A 130 43.59 -10.52 11.45
C ILE A 130 42.81 -11.83 11.43
N SER A 131 41.54 -11.78 11.82
CA SER A 131 40.71 -12.99 11.79
C SER A 131 40.51 -13.48 10.36
N SER A 132 40.33 -12.56 9.41
CA SER A 132 40.23 -12.97 8.02
C SER A 132 41.52 -13.59 7.54
N VAL A 133 42.67 -13.04 7.95
CA VAL A 133 43.95 -13.63 7.59
C VAL A 133 44.05 -15.05 8.14
N LEU A 134 43.65 -15.24 9.39
CA LEU A 134 43.71 -16.56 10.01
C LEU A 134 42.76 -17.53 9.32
N CYS A 135 41.59 -17.04 8.90
CA CYS A 135 40.64 -17.90 8.18
C CYS A 135 41.19 -18.31 6.82
N ALA A 136 41.90 -17.40 6.15
CA ALA A 136 42.46 -17.70 4.83
C ALA A 136 43.50 -18.81 4.87
N VAL A 137 44.04 -19.14 6.03
CA VAL A 137 45.03 -20.20 6.17
C VAL A 137 44.48 -21.37 7.00
N ALA A 138 43.16 -21.46 7.14
CA ALA A 138 42.56 -22.53 7.91
C ALA A 138 42.74 -23.87 7.19
N TRP A 139 42.93 -24.93 7.97
CA TRP A 139 43.10 -26.26 7.45
C TRP A 139 42.15 -27.29 8.05
N ASP A 140 41.38 -26.93 9.07
CA ASP A 140 40.41 -27.84 9.67
C ASP A 140 39.24 -27.03 10.20
N GLU A 141 38.23 -27.75 10.71
CA GLU A 141 37.00 -27.10 11.16
C GLU A 141 37.25 -26.19 12.36
N ALA A 142 38.05 -26.64 13.31
CA ALA A 142 38.20 -25.91 14.57
C ALA A 142 38.80 -24.52 14.34
N THR A 143 39.89 -24.46 13.56
CA THR A 143 40.54 -23.17 13.33
C THR A 143 39.66 -22.23 12.53
N LEU A 144 38.89 -22.75 11.58
CA LEU A 144 38.00 -21.89 10.81
C LEU A 144 36.86 -21.37 11.67
N VAL A 145 36.34 -22.21 12.57
CA VAL A 145 35.30 -21.75 13.50
C VAL A 145 35.85 -20.68 14.42
N ILE A 146 37.08 -20.86 14.91
CA ILE A 146 37.71 -19.85 15.75
C ILE A 146 37.89 -18.54 14.98
N ALA A 147 38.31 -18.64 13.72
CA ALA A 147 38.46 -17.45 12.89
C ALA A 147 37.14 -16.74 12.67
N ARG A 148 36.06 -17.50 12.45
CA ARG A 148 34.74 -16.88 12.29
C ARG A 148 34.29 -16.21 13.58
N LEU A 149 34.59 -16.83 14.73
CA LEU A 149 34.26 -16.20 16.01
C LEU A 149 35.03 -14.89 16.19
N SER A 150 36.32 -14.88 15.82
CA SER A 150 37.10 -13.66 15.93
C SER A 150 36.59 -12.58 14.97
N GLN A 151 36.16 -12.99 13.78
CA GLN A 151 35.54 -12.03 12.85
C GLN A 151 34.27 -11.45 13.44
N GLY A 152 33.46 -12.29 14.08
CA GLY A 152 32.27 -11.78 14.75
C GLY A 152 32.60 -10.81 15.86
N VAL A 153 33.64 -11.11 16.65
CA VAL A 153 34.07 -10.19 17.69
C VAL A 153 34.47 -8.85 17.10
N GLY A 154 35.28 -8.88 16.04
CA GLY A 154 35.70 -7.65 15.40
C GLY A 154 34.52 -6.84 14.87
N SER A 155 33.58 -7.51 14.21
CA SER A 155 32.42 -6.81 13.67
C SER A 155 31.57 -6.20 14.77
N ALA A 156 31.35 -6.95 15.85
CA ALA A 156 30.54 -6.45 16.96
C ALA A 156 31.21 -5.26 17.63
N ILE A 157 32.53 -5.28 17.74
CA ILE A 157 33.23 -4.14 18.34
C ILE A 157 33.18 -2.93 17.41
N ALA A 158 33.30 -3.14 16.10
CA ALA A 158 33.58 -2.02 15.23
C ALA A 158 32.36 -1.38 14.58
N SER A 159 31.33 -2.16 14.20
CA SER A 159 30.26 -1.58 13.38
C SER A 159 29.35 -0.64 14.17
N PRO A 160 28.87 -0.97 15.38
CA PRO A 160 28.12 0.05 16.14
C PRO A 160 28.93 1.29 16.41
N THR A 161 30.24 1.12 16.65
CA THR A 161 31.12 2.27 16.73
C THR A 161 31.17 3.01 15.40
N GLY A 162 31.02 2.29 14.28
CA GLY A 162 30.92 2.97 13.00
C GLY A 162 29.71 3.87 12.91
N LEU A 163 28.55 3.37 13.36
CA LEU A 163 27.36 4.22 13.38
C LEU A 163 27.54 5.41 14.33
N ALA A 164 28.13 5.16 15.50
CA ALA A 164 28.37 6.25 16.45
C ALA A 164 29.32 7.28 15.87
N LEU A 165 30.27 6.85 15.04
CA LEU A 165 31.18 7.78 14.41
C LEU A 165 30.50 8.56 13.28
N VAL A 166 29.54 7.93 12.61
CA VAL A 166 28.68 8.68 11.69
C VAL A 166 27.98 9.80 12.44
N ALA A 167 27.42 9.48 13.60
CA ALA A 167 26.57 10.43 14.31
C ALA A 167 27.33 11.39 15.22
N THR A 168 28.64 11.19 15.41
CA THR A 168 29.39 11.94 16.42
C THR A 168 30.39 12.91 15.80
N THR A 169 31.29 12.41 14.94
CA THR A 169 32.34 13.27 14.40
C THR A 169 31.76 14.40 13.56
N PHE A 170 30.74 14.12 12.75
CA PHE A 170 30.10 15.15 11.94
C PHE A 170 28.91 15.71 12.67
N PRO A 171 28.86 17.01 12.94
CA PRO A 171 27.71 17.58 13.65
C PRO A 171 26.45 17.50 12.80
N LYS A 172 25.32 17.69 13.46
CA LYS A 172 24.03 17.62 12.78
C LYS A 172 23.96 18.65 11.67
N GLY A 173 23.40 18.26 10.53
CA GLY A 173 23.31 19.12 9.38
C GLY A 173 23.64 18.39 8.09
N PRO A 174 24.09 19.15 7.09
CA PRO A 174 24.44 18.52 5.80
C PRO A 174 25.54 17.49 5.90
N ALA A 175 26.50 17.69 6.81
CA ALA A 175 27.59 16.73 6.97
C ALA A 175 27.06 15.37 7.41
N ARG A 176 26.12 15.36 8.37
CA ARG A 176 25.55 14.10 8.81
C ARG A 176 24.76 13.43 7.69
N ASN A 177 24.02 14.21 6.89
CA ASN A 177 23.28 13.64 5.77
C ASN A 177 24.23 12.98 4.78
N ALA A 178 25.32 13.67 4.44
CA ALA A 178 26.30 13.10 3.51
C ALA A 178 26.95 11.85 4.10
N ALA A 179 27.27 11.88 5.39
CA ALA A 179 27.87 10.71 6.03
C ALA A 179 26.92 9.51 5.99
N THR A 180 25.64 9.74 6.27
CA THR A 180 24.65 8.67 6.19
C THR A 180 24.51 8.13 4.78
N ALA A 181 24.49 9.02 3.80
CA ALA A 181 24.38 8.58 2.41
C ALA A 181 25.58 7.72 2.01
N VAL A 182 26.79 8.15 2.38
CA VAL A 182 27.97 7.35 2.09
C VAL A 182 27.92 6.01 2.81
N PHE A 183 27.50 6.03 4.09
CA PHE A 183 27.33 4.82 4.87
C PHE A 183 26.50 3.78 4.12
N ALA A 184 25.26 4.14 3.80
CA ALA A 184 24.36 3.19 3.14
C ALA A 184 24.86 2.80 1.76
N ALA A 185 25.36 3.78 0.99
CA ALA A 185 25.80 3.51 -0.37
C ALA A 185 26.94 2.50 -0.38
N MET A 186 27.95 2.70 0.48
CA MET A 186 29.06 1.77 0.48
C MET A 186 28.75 0.47 1.20
N THR A 187 27.73 0.43 2.05
CA THR A 187 27.24 -0.86 2.52
C THR A 187 26.69 -1.68 1.35
N ALA A 188 25.88 -1.06 0.50
CA ALA A 188 25.38 -1.74 -0.69
C ALA A 188 26.53 -2.12 -1.62
N ILE A 189 27.50 -1.22 -1.78
CA ILE A 189 28.67 -1.51 -2.61
C ILE A 189 29.41 -2.73 -2.08
N GLY A 190 29.62 -2.78 -0.76
CA GLY A 190 30.28 -3.94 -0.17
C GLY A 190 29.53 -5.23 -0.45
N SER A 191 28.21 -5.21 -0.24
CA SER A 191 27.42 -6.43 -0.49
C SER A 191 27.55 -6.90 -1.93
N VAL A 192 27.31 -6.00 -2.89
CA VAL A 192 27.26 -6.42 -4.28
C VAL A 192 28.65 -6.78 -4.79
N MET A 193 29.67 -6.01 -4.41
CA MET A 193 31.03 -6.32 -4.85
C MET A 193 31.54 -7.59 -4.19
N GLY A 194 31.08 -7.92 -2.98
CA GLY A 194 31.39 -9.22 -2.41
C GLY A 194 30.75 -10.35 -3.17
N LEU A 195 29.51 -10.16 -3.61
CA LEU A 195 28.90 -11.15 -4.49
C LEU A 195 29.71 -11.32 -5.76
N VAL A 196 30.17 -10.21 -6.34
CA VAL A 196 31.00 -10.27 -7.54
C VAL A 196 32.29 -11.03 -7.28
N VAL A 197 32.94 -10.75 -6.15
CA VAL A 197 34.20 -11.42 -5.81
C VAL A 197 33.98 -12.91 -5.62
N GLY A 198 32.91 -13.28 -4.91
CA GLY A 198 32.61 -14.69 -4.73
C GLY A 198 32.34 -15.40 -6.03
N GLY A 199 31.62 -14.74 -6.95
CA GLY A 199 31.37 -15.33 -8.24
C GLY A 199 32.63 -15.46 -9.08
N ALA A 200 33.53 -14.49 -8.99
CA ALA A 200 34.73 -14.50 -9.83
C ALA A 200 35.75 -15.51 -9.30
N LEU A 201 35.85 -15.66 -8.00
CA LEU A 201 36.86 -16.52 -7.38
C LEU A 201 36.31 -17.90 -7.03
N THR A 202 35.19 -18.30 -7.63
CA THR A 202 34.68 -19.65 -7.38
C THR A 202 35.49 -20.72 -8.10
N GLU A 203 36.21 -20.36 -9.17
CA GLU A 203 37.05 -21.33 -9.86
C GLU A 203 38.29 -21.65 -9.02
N VAL A 204 38.94 -20.63 -8.46
CA VAL A 204 40.11 -20.83 -7.61
C VAL A 204 39.63 -21.30 -6.24
N SER A 205 40.56 -21.75 -5.41
CA SER A 205 40.21 -22.25 -4.09
C SER A 205 39.60 -21.15 -3.24
N TRP A 206 38.79 -21.56 -2.26
CA TRP A 206 38.11 -20.61 -1.39
C TRP A 206 39.08 -19.85 -0.49
N ARG A 207 40.33 -20.30 -0.40
CA ARG A 207 41.31 -19.60 0.42
C ARG A 207 41.53 -18.18 -0.08
N TRP A 208 41.61 -18.01 -1.41
CA TRP A 208 41.80 -16.69 -1.99
C TRP A 208 40.58 -15.79 -1.81
N ALA A 209 39.40 -16.36 -1.59
CA ALA A 209 38.19 -15.56 -1.47
C ALA A 209 38.22 -14.67 -0.23
N PHE A 210 38.74 -15.18 0.88
CA PHE A 210 38.76 -14.42 2.13
C PHE A 210 39.90 -13.42 2.19
N LEU A 211 40.84 -13.45 1.24
CA LEU A 211 42.00 -12.58 1.31
C LEU A 211 41.72 -11.15 0.86
N VAL A 212 40.59 -10.90 0.18
CA VAL A 212 40.25 -9.53 -0.20
C VAL A 212 39.89 -8.69 1.02
N ASN A 213 39.59 -9.33 2.15
CA ASN A 213 39.40 -8.60 3.40
C ASN A 213 40.66 -7.88 3.84
N VAL A 214 41.83 -8.34 3.39
CA VAL A 214 43.11 -7.85 3.89
C VAL A 214 43.44 -6.47 3.32
N PRO A 215 43.54 -6.28 2.00
CA PRO A 215 43.91 -4.94 1.50
C PRO A 215 42.90 -3.87 1.85
N ILE A 216 41.60 -4.20 1.75
CA ILE A 216 40.56 -3.25 2.11
C ILE A 216 40.67 -2.87 3.58
N GLY A 217 40.85 -3.88 4.44
CA GLY A 217 40.97 -3.60 5.86
C GLY A 217 42.17 -2.72 6.18
N LEU A 218 43.32 -3.04 5.60
CA LEU A 218 44.52 -2.24 5.85
C LEU A 218 44.34 -0.81 5.35
N VAL A 219 43.83 -0.64 4.14
CA VAL A 219 43.70 0.72 3.60
C VAL A 219 42.67 1.52 4.41
N MET A 220 41.61 0.88 4.90
CA MET A 220 40.62 1.64 5.65
C MET A 220 41.08 1.91 7.07
N ILE A 221 41.91 1.04 7.66
CA ILE A 221 42.57 1.37 8.91
C ILE A 221 43.49 2.57 8.72
N TYR A 222 44.23 2.60 7.60
CA TYR A 222 45.07 3.75 7.32
C TYR A 222 44.24 5.03 7.17
N LEU A 223 43.09 4.93 6.50
CA LEU A 223 42.21 6.08 6.34
C LEU A 223 41.70 6.57 7.69
N ALA A 224 41.28 5.64 8.56
CA ALA A 224 40.82 6.03 9.89
C ALA A 224 41.95 6.64 10.72
N ARG A 225 43.17 6.15 10.54
CA ARG A 225 44.31 6.72 11.25
C ARG A 225 44.59 8.15 10.82
N THR A 226 44.68 8.37 9.50
CA THR A 226 45.12 9.67 9.00
C THR A 226 44.01 10.71 9.04
N ALA A 227 42.77 10.32 8.73
CA ALA A 227 41.72 11.30 8.49
C ALA A 227 40.90 11.62 9.74
N LEU A 228 40.36 10.60 10.41
CA LEU A 228 39.40 10.83 11.47
C LEU A 228 40.05 11.56 12.64
N ARG A 229 39.34 12.54 13.18
CA ARG A 229 39.86 13.39 14.23
C ARG A 229 39.41 12.87 15.60
N GLU A 230 40.36 12.81 16.54
CA GLU A 230 40.08 12.38 17.91
C GLU A 230 39.58 13.55 18.74
N THR A 231 38.56 13.30 19.55
CA THR A 231 38.00 14.31 20.43
C THR A 231 38.87 14.45 21.67
N ASN A 232 38.37 15.15 22.68
CA ASN A 232 39.11 15.34 23.92
C ASN A 232 39.28 14.01 24.66
N LYS A 233 40.01 14.07 25.77
CA LYS A 233 40.26 12.88 26.60
C LYS A 233 39.26 12.84 27.76
N GLU A 234 37.98 12.71 27.39
CA GLU A 234 36.92 12.53 28.38
C GLU A 234 36.67 11.03 28.60
N ARG A 235 37.70 10.38 29.15
CA ARG A 235 37.64 8.95 29.43
C ARG A 235 36.49 8.66 30.41
N MET A 236 35.72 7.62 30.11
CA MET A 236 34.49 7.33 30.83
C MET A 236 34.45 5.84 31.16
N LYS A 237 33.94 5.52 32.35
CA LYS A 237 34.00 4.15 32.85
C LYS A 237 32.78 3.34 32.42
N LEU A 238 33.02 2.05 32.19
CA LEU A 238 32.02 1.09 31.75
C LEU A 238 31.49 0.28 32.93
N ASP A 239 30.21 -0.08 32.86
CA ASP A 239 29.58 -0.93 33.85
C ASP A 239 29.65 -2.37 33.38
N ALA A 240 30.41 -3.20 34.10
CA ALA A 240 30.71 -4.55 33.62
C ALA A 240 29.47 -5.45 33.68
N THR A 241 28.69 -5.35 34.75
CA THR A 241 27.61 -6.31 34.95
C THR A 241 26.54 -6.20 33.87
N GLY A 242 26.13 -4.98 33.53
CA GLY A 242 25.14 -4.82 32.49
C GLY A 242 25.64 -5.28 31.13
N ALA A 243 26.88 -4.96 30.81
CA ALA A 243 27.46 -5.38 29.53
C ALA A 243 27.53 -6.89 29.42
N ILE A 244 27.98 -7.56 30.48
CA ILE A 244 28.11 -9.01 30.43
C ILE A 244 26.74 -9.67 30.37
N LEU A 245 25.75 -9.11 31.09
CA LEU A 245 24.40 -9.66 31.04
C LEU A 245 23.81 -9.52 29.64
N ALA A 246 23.97 -8.34 29.03
CA ALA A 246 23.47 -8.15 27.67
C ALA A 246 24.16 -9.08 26.68
N THR A 247 25.48 -9.24 26.82
CA THR A 247 26.21 -10.15 25.94
C THR A 247 25.71 -11.57 26.10
N LEU A 248 25.51 -12.03 27.33
CA LEU A 248 25.01 -13.38 27.56
C LEU A 248 23.62 -13.58 26.97
N ALA A 249 22.72 -12.61 27.18
CA ALA A 249 21.37 -12.73 26.64
C ALA A 249 21.40 -12.80 25.12
N CYS A 250 22.16 -11.90 24.49
CA CYS A 250 22.20 -11.87 23.03
C CYS A 250 22.83 -13.14 22.47
N THR A 251 23.93 -13.61 23.06
CA THR A 251 24.59 -14.80 22.53
C THR A 251 23.71 -16.03 22.71
N ALA A 252 23.01 -16.14 23.84
CA ALA A 252 22.12 -17.27 24.04
C ALA A 252 20.96 -17.24 23.06
N ALA A 253 20.39 -16.06 22.81
CA ALA A 253 19.29 -15.95 21.85
C ALA A 253 19.75 -16.32 20.45
N VAL A 254 20.91 -15.82 20.03
CA VAL A 254 21.40 -16.12 18.69
C VAL A 254 21.71 -17.61 18.56
N PHE A 255 22.34 -18.19 19.58
CA PHE A 255 22.63 -19.63 19.55
C PHE A 255 21.36 -20.45 19.46
N ALA A 256 20.33 -20.07 20.24
CA ALA A 256 19.06 -20.79 20.17
C ALA A 256 18.44 -20.71 18.78
N PHE A 257 18.38 -19.50 18.21
CA PHE A 257 17.75 -19.34 16.91
C PHE A 257 18.51 -20.08 15.83
N SER A 258 19.85 -20.10 15.92
CA SER A 258 20.65 -20.78 14.91
C SER A 258 20.57 -22.30 15.04
N ILE A 259 20.50 -22.81 16.28
CA ILE A 259 20.46 -24.25 16.49
C ILE A 259 19.05 -24.81 16.38
N GLY A 260 18.04 -23.94 16.29
CA GLY A 260 16.67 -24.37 16.14
C GLY A 260 16.42 -25.33 14.99
N PRO A 261 16.58 -24.87 13.75
CA PRO A 261 16.22 -25.72 12.61
C PRO A 261 17.09 -26.94 12.43
N GLU A 262 18.35 -26.89 12.90
CA GLU A 262 19.25 -28.02 12.69
C GLU A 262 19.03 -29.13 13.70
N LYS A 263 19.13 -28.81 14.98
CA LYS A 263 19.05 -29.80 16.05
C LYS A 263 17.62 -30.14 16.46
N GLY A 264 16.64 -29.44 15.95
CA GLY A 264 15.27 -29.63 16.37
C GLY A 264 14.78 -28.43 17.17
N TRP A 265 13.50 -28.12 17.03
CA TRP A 265 12.96 -26.91 17.64
C TRP A 265 12.56 -27.09 19.10
N MET A 266 12.28 -28.32 19.53
CA MET A 266 11.97 -28.59 20.92
C MET A 266 12.97 -29.53 21.57
N SER A 267 14.19 -29.57 21.04
CA SER A 267 15.26 -30.35 21.66
C SER A 267 15.69 -29.70 22.98
N GLY A 268 16.48 -30.43 23.75
CA GLY A 268 16.91 -29.91 25.04
C GLY A 268 17.78 -28.68 24.91
N ILE A 269 18.71 -28.68 23.94
CA ILE A 269 19.67 -27.58 23.83
C ILE A 269 18.98 -26.29 23.44
N THR A 270 18.03 -26.36 22.49
CA THR A 270 17.40 -25.13 22.03
C THR A 270 16.52 -24.50 23.10
N ILE A 271 15.73 -25.31 23.82
CA ILE A 271 14.87 -24.77 24.86
C ILE A 271 15.72 -24.28 26.04
N GLY A 272 16.81 -24.99 26.35
CA GLY A 272 17.69 -24.53 27.40
C GLY A 272 18.35 -23.20 27.08
N SER A 273 18.84 -23.06 25.85
CA SER A 273 19.42 -21.79 25.43
C SER A 273 18.38 -20.68 25.41
N GLY A 274 17.16 -20.99 24.99
CA GLY A 274 16.10 -19.99 25.01
C GLY A 274 15.78 -19.50 26.41
N LEU A 275 15.64 -20.43 27.36
CA LEU A 275 15.33 -20.04 28.73
C LEU A 275 16.50 -19.29 29.36
N VAL A 276 17.74 -19.69 29.05
CA VAL A 276 18.89 -18.96 29.54
C VAL A 276 18.90 -17.54 28.98
N ALA A 277 18.58 -17.39 27.70
CA ALA A 277 18.51 -16.07 27.09
C ALA A 277 17.43 -15.21 27.76
N LEU A 278 16.27 -15.80 28.02
CA LEU A 278 15.19 -15.04 28.67
C LEU A 278 15.58 -14.61 30.08
N ALA A 279 16.18 -15.52 30.84
CA ALA A 279 16.61 -15.18 32.20
C ALA A 279 17.69 -14.10 32.18
N ALA A 280 18.65 -14.22 31.27
CA ALA A 280 19.69 -13.20 31.16
C ALA A 280 19.10 -11.86 30.75
N ALA A 281 18.11 -11.86 29.85
CA ALA A 281 17.50 -10.61 29.42
C ALA A 281 16.74 -9.95 30.56
N VAL A 282 15.98 -10.72 31.34
CA VAL A 282 15.22 -10.11 32.42
C VAL A 282 16.15 -9.61 33.52
N ALA A 283 17.22 -10.37 33.82
CA ALA A 283 18.20 -9.89 34.78
C ALA A 283 18.90 -8.64 34.28
N PHE A 284 19.19 -8.58 32.98
CA PHE A 284 19.82 -7.41 32.39
C PHE A 284 18.92 -6.19 32.50
N VAL A 285 17.62 -6.37 32.26
CA VAL A 285 16.67 -5.27 32.41
C VAL A 285 16.62 -4.81 33.86
N ILE A 286 16.57 -5.75 34.80
CA ILE A 286 16.53 -5.38 36.22
C ILE A 286 17.76 -4.60 36.62
N VAL A 287 18.94 -5.03 36.17
CA VAL A 287 20.17 -4.31 36.48
C VAL A 287 20.18 -2.94 35.83
N GLU A 288 19.75 -2.84 34.57
CA GLU A 288 19.73 -1.56 33.87
C GLU A 288 18.76 -0.59 34.52
N ARG A 289 17.75 -1.10 35.21
CA ARG A 289 16.81 -0.22 35.90
C ARG A 289 17.50 0.69 36.90
N THR A 290 18.60 0.22 37.51
CA THR A 290 19.32 0.99 38.52
C THR A 290 20.78 1.22 38.15
N ALA A 291 21.14 1.07 36.89
CA ALA A 291 22.52 1.26 36.45
C ALA A 291 22.87 2.74 36.41
N GLU A 292 23.99 3.12 37.02
CA GLU A 292 24.44 4.50 36.98
C GLU A 292 24.88 4.90 35.58
N ASN A 293 25.41 3.96 34.80
CA ASN A 293 25.85 4.19 33.43
C ASN A 293 25.17 3.15 32.55
N PRO A 294 23.89 3.34 32.24
CA PRO A 294 23.12 2.27 31.59
C PRO A 294 23.76 1.79 30.29
N VAL A 295 23.82 0.46 30.14
CA VAL A 295 24.26 -0.12 28.89
C VAL A 295 23.27 0.22 27.78
N VAL A 296 21.98 0.10 28.06
CA VAL A 296 20.92 0.54 27.18
C VAL A 296 20.09 1.58 27.93
N PRO A 297 19.93 2.79 27.42
CA PRO A 297 19.17 3.81 28.16
C PRO A 297 17.68 3.58 27.98
N PHE A 298 17.02 3.08 29.02
CA PHE A 298 15.56 3.06 29.01
C PHE A 298 14.99 4.45 29.21
N HIS A 299 15.82 5.42 29.57
CA HIS A 299 15.39 6.80 29.71
C HIS A 299 15.01 7.41 28.37
N LEU A 300 15.76 7.06 27.32
CA LEU A 300 15.63 7.71 26.02
C LEU A 300 14.45 7.18 25.21
N PHE A 301 13.78 6.14 25.68
CA PHE A 301 12.57 5.64 25.04
C PHE A 301 11.31 6.37 25.51
N ARG A 302 11.47 7.49 26.22
CA ARG A 302 10.30 8.29 26.61
C ARG A 302 9.51 8.74 25.39
N ASP A 303 10.21 9.21 24.36
CA ASP A 303 9.55 9.64 23.14
C ASP A 303 8.96 8.44 22.42
N ARG A 304 7.64 8.45 22.22
CA ARG A 304 7.00 7.34 21.54
C ARG A 304 7.33 7.32 20.05
N ASN A 305 7.62 8.49 19.48
CA ASN A 305 8.06 8.55 18.09
C ASN A 305 9.38 7.81 17.91
N ARG A 306 10.26 7.85 18.91
CA ARG A 306 11.51 7.10 18.83
C ARG A 306 11.25 5.60 18.83
N LEU A 307 10.31 5.14 19.67
CA LEU A 307 9.95 3.73 19.65
C LEU A 307 9.38 3.32 18.30
N VAL A 308 8.53 4.17 17.72
CA VAL A 308 7.99 3.91 16.40
C VAL A 308 9.12 3.83 15.37
N THR A 309 10.07 4.75 15.45
CA THR A 309 11.19 4.77 14.50
C THR A 309 12.03 3.50 14.63
N PHE A 310 12.30 3.07 15.87
CA PHE A 310 13.13 1.88 16.06
C PHE A 310 12.43 0.62 15.57
N SER A 311 11.12 0.49 15.84
CA SER A 311 10.37 -0.65 15.34
C SER A 311 10.31 -0.64 13.81
N ALA A 312 10.15 0.55 13.23
CA ALA A 312 10.16 0.67 11.77
C ALA A 312 11.51 0.28 11.21
N ILE A 313 12.60 0.66 11.88
CA ILE A 313 13.93 0.25 11.44
C ILE A 313 14.05 -1.27 11.47
N LEU A 314 13.59 -1.89 12.56
CA LEU A 314 13.65 -3.34 12.66
C LEU A 314 12.92 -4.00 11.49
N LEU A 315 11.67 -3.60 11.26
CA LEU A 315 10.88 -4.30 10.25
C LEU A 315 11.35 -3.97 8.83
N ALA A 316 11.83 -2.74 8.60
CA ALA A 316 12.35 -2.38 7.29
C ALA A 316 13.64 -3.13 6.99
N GLY A 317 14.53 -3.25 7.97
CA GLY A 317 15.72 -4.07 7.79
C GLY A 317 15.37 -5.52 7.53
N GLY A 318 14.34 -6.02 8.21
CA GLY A 318 13.89 -7.37 7.94
C GLY A 318 13.40 -7.55 6.52
N VAL A 319 12.57 -6.62 6.04
CA VAL A 319 12.07 -6.69 4.68
C VAL A 319 13.23 -6.61 3.69
N MET A 320 14.19 -5.72 3.93
CA MET A 320 15.30 -5.56 3.00
C MET A 320 16.17 -6.82 2.97
N PHE A 321 16.45 -7.42 4.13
CA PHE A 321 17.25 -8.64 4.15
C PHE A 321 16.51 -9.80 3.48
N SER A 322 15.20 -9.91 3.72
CA SER A 322 14.43 -10.96 3.05
C SER A 322 14.44 -10.75 1.54
N LEU A 323 14.35 -9.50 1.10
CA LEU A 323 14.45 -9.20 -0.33
C LEU A 323 15.80 -9.63 -0.88
N THR A 324 16.89 -9.32 -0.15
CA THR A 324 18.21 -9.74 -0.60
C THR A 324 18.29 -11.25 -0.77
N VAL A 325 17.89 -11.99 0.26
CA VAL A 325 18.01 -13.45 0.22
C VAL A 325 17.14 -14.01 -0.90
N CYS A 326 15.90 -13.54 -1.00
CA CYS A 326 14.99 -14.09 -2.01
C CYS A 326 15.47 -13.79 -3.41
N ILE A 327 15.94 -12.57 -3.67
CA ILE A 327 16.44 -12.22 -5.00
C ILE A 327 17.66 -13.06 -5.33
N GLY A 328 18.60 -13.19 -4.39
CA GLY A 328 19.77 -13.98 -4.65
C GLY A 328 19.43 -15.42 -5.00
N LEU A 329 18.56 -16.05 -4.18
CA LEU A 329 18.19 -17.44 -4.43
C LEU A 329 17.44 -17.59 -5.74
N TYR A 330 16.52 -16.66 -6.02
CA TYR A 330 15.71 -16.75 -7.23
C TYR A 330 16.57 -16.59 -8.48
N VAL A 331 17.52 -15.66 -8.46
CA VAL A 331 18.38 -15.45 -9.61
C VAL A 331 19.35 -16.62 -9.80
N GLN A 332 19.92 -17.12 -8.70
CA GLN A 332 20.93 -18.17 -8.83
C GLN A 332 20.32 -19.52 -9.13
N ASP A 333 19.07 -19.76 -8.72
CA ASP A 333 18.46 -21.07 -8.88
C ASP A 333 17.53 -21.13 -10.10
N ILE A 334 16.54 -20.23 -10.16
CA ILE A 334 15.53 -20.31 -11.20
C ILE A 334 16.10 -19.89 -12.55
N LEU A 335 16.59 -18.65 -12.64
CA LEU A 335 17.15 -18.15 -13.89
C LEU A 335 18.49 -18.80 -14.24
N GLY A 336 19.11 -19.51 -13.31
CA GLY A 336 20.37 -20.16 -13.59
C GLY A 336 21.51 -19.20 -13.85
N TYR A 337 21.61 -18.13 -13.08
CA TYR A 337 22.69 -17.16 -13.21
C TYR A 337 23.79 -17.46 -12.20
N SER A 338 25.03 -17.39 -12.65
CA SER A 338 26.16 -17.58 -11.75
C SER A 338 26.25 -16.41 -10.78
N ALA A 339 27.03 -16.61 -9.71
CA ALA A 339 27.17 -15.58 -8.69
C ALA A 339 27.82 -14.33 -9.27
N LEU A 340 28.79 -14.50 -10.16
CA LEU A 340 29.38 -13.34 -10.85
C LEU A 340 28.33 -12.64 -11.71
N ARG A 341 27.50 -13.42 -12.40
CA ARG A 341 26.42 -12.83 -13.18
C ARG A 341 25.43 -12.10 -12.28
N ALA A 342 25.12 -12.68 -11.12
CA ALA A 342 24.23 -12.01 -10.18
C ALA A 342 24.82 -10.70 -9.70
N GLY A 343 26.12 -10.68 -9.43
CA GLY A 343 26.75 -9.43 -8.99
C GLY A 343 26.77 -8.36 -10.07
N VAL A 344 27.12 -8.74 -11.30
CA VAL A 344 27.13 -7.75 -12.36
C VAL A 344 25.72 -7.31 -12.71
N GLY A 345 24.72 -8.14 -12.40
CA GLY A 345 23.34 -7.72 -12.58
C GLY A 345 22.83 -6.83 -11.47
N PHE A 346 23.39 -6.98 -10.27
CA PHE A 346 23.01 -6.14 -9.14
C PHE A 346 23.83 -4.86 -9.04
N ILE A 347 24.88 -4.72 -9.86
CA ILE A 347 25.57 -3.43 -9.94
C ILE A 347 24.61 -2.30 -10.29
N PRO A 348 23.67 -2.45 -11.23
CA PRO A 348 22.65 -1.40 -11.41
C PRO A 348 21.85 -1.12 -10.16
N PHE A 349 21.65 -2.11 -9.29
CA PHE A 349 21.02 -1.83 -8.00
C PHE A 349 21.89 -0.89 -7.17
N VAL A 350 23.20 -1.09 -7.19
CA VAL A 350 24.10 -0.18 -6.50
C VAL A 350 23.98 1.23 -7.04
N ILE A 351 23.95 1.36 -8.37
CA ILE A 351 23.84 2.68 -8.98
C ILE A 351 22.53 3.34 -8.55
N ALA A 352 21.41 2.60 -8.67
CA ALA A 352 20.10 3.15 -8.35
C ALA A 352 20.02 3.56 -6.88
N MET A 353 20.58 2.73 -5.99
CA MET A 353 20.62 3.10 -4.58
C MET A 353 21.49 4.33 -4.36
N GLY A 354 22.54 4.49 -5.17
CA GLY A 354 23.34 5.70 -5.07
C GLY A 354 22.55 6.96 -5.37
N ILE A 355 21.82 6.95 -6.49
CA ILE A 355 20.97 8.09 -6.81
C ILE A 355 19.89 8.29 -5.74
N GLY A 356 19.28 7.20 -5.29
CA GLY A 356 18.25 7.33 -4.27
C GLY A 356 18.76 7.94 -2.99
N LEU A 357 19.92 7.48 -2.52
CA LEU A 357 20.49 8.01 -1.28
C LEU A 357 20.91 9.46 -1.44
N GLY A 358 21.50 9.81 -2.59
CA GLY A 358 21.84 11.21 -2.80
C GLY A 358 20.63 12.12 -2.82
N VAL A 359 19.57 11.70 -3.51
CA VAL A 359 18.34 12.50 -3.56
C VAL A 359 17.73 12.61 -2.17
N SER A 360 17.71 11.52 -1.41
CA SER A 360 17.15 11.56 -0.06
C SER A 360 17.96 12.47 0.84
N SER A 361 19.28 12.41 0.75
CA SER A 361 20.13 13.29 1.56
C SER A 361 19.89 14.75 1.22
N GLN A 362 19.70 15.05 -0.07
CA GLN A 362 19.39 16.42 -0.46
C GLN A 362 18.02 16.85 0.05
N LEU A 363 17.04 15.94 0.02
CA LEU A 363 15.66 16.32 0.32
C LEU A 363 15.31 16.28 1.80
N VAL A 364 16.14 15.65 2.64
CA VAL A 364 15.82 15.60 4.06
C VAL A 364 15.75 16.98 4.67
N SER A 365 16.58 17.92 4.18
CA SER A 365 16.60 19.26 4.72
C SER A 365 15.32 20.04 4.47
N ARG A 366 14.43 19.54 3.60
CA ARG A 366 13.18 20.23 3.29
C ARG A 366 11.94 19.44 3.68
N PHE A 367 11.92 18.14 3.44
CA PHE A 367 10.75 17.32 3.70
C PHE A 367 10.92 16.51 4.98
N SER A 368 9.79 16.17 5.60
CA SER A 368 9.81 15.40 6.82
C SER A 368 10.31 13.98 6.55
N PRO A 369 10.95 13.35 7.54
CA PRO A 369 11.36 11.95 7.37
C PRO A 369 10.20 11.02 7.07
N ARG A 370 9.02 11.30 7.63
CA ARG A 370 7.83 10.51 7.31
C ARG A 370 7.56 10.53 5.81
N VAL A 371 7.58 11.71 5.21
CA VAL A 371 7.25 11.85 3.79
C VAL A 371 8.24 11.09 2.92
N LEU A 372 9.54 11.27 3.19
CA LEU A 372 10.55 10.62 2.36
C LEU A 372 10.52 9.11 2.54
N THR A 373 10.32 8.64 3.77
CA THR A 373 10.18 7.21 4.01
C THR A 373 8.99 6.64 3.25
N ILE A 374 7.85 7.34 3.28
CA ILE A 374 6.67 6.85 2.59
C ILE A 374 6.88 6.84 1.08
N GLY A 375 7.54 7.87 0.54
CA GLY A 375 7.80 7.89 -0.90
C GLY A 375 8.74 6.80 -1.35
N GLY A 376 9.83 6.59 -0.61
CA GLY A 376 10.72 5.49 -0.93
C GLY A 376 10.03 4.14 -0.83
N GLY A 377 9.21 3.97 0.19
CA GLY A 377 8.44 2.73 0.30
C GLY A 377 7.45 2.57 -0.83
N TYR A 378 6.88 3.68 -1.31
CA TYR A 378 5.95 3.62 -2.43
C TYR A 378 6.66 3.14 -3.69
N LEU A 379 7.84 3.69 -3.96
CA LEU A 379 8.61 3.23 -5.11
C LEU A 379 9.01 1.75 -4.96
N LEU A 380 9.47 1.37 -3.77
CA LEU A 380 9.87 -0.02 -3.55
C LEU A 380 8.67 -0.96 -3.68
N PHE A 381 7.50 -0.54 -3.21
CA PHE A 381 6.30 -1.35 -3.31
C PHE A 381 5.86 -1.52 -4.75
N GLY A 382 5.93 -0.45 -5.55
CA GLY A 382 5.67 -0.60 -6.96
C GLY A 382 6.63 -1.57 -7.63
N ALA A 383 7.91 -1.49 -7.28
CA ALA A 383 8.88 -2.41 -7.83
C ALA A 383 8.58 -3.85 -7.45
N MET A 384 8.23 -4.09 -6.18
CA MET A 384 7.92 -5.44 -5.74
C MET A 384 6.66 -5.98 -6.41
N LEU A 385 5.64 -5.14 -6.58
CA LEU A 385 4.44 -5.58 -7.27
C LEU A 385 4.74 -5.95 -8.71
N TYR A 386 5.53 -5.13 -9.41
CA TYR A 386 5.90 -5.46 -10.78
C TYR A 386 6.69 -6.76 -10.83
N GLY A 387 7.60 -6.96 -9.88
CA GLY A 387 8.36 -8.20 -9.86
C GLY A 387 7.49 -9.42 -9.60
N SER A 388 6.49 -9.26 -8.73
CA SER A 388 5.61 -10.38 -8.38
C SER A 388 4.54 -10.63 -9.43
N PHE A 389 4.33 -9.72 -10.37
CA PHE A 389 3.28 -9.92 -11.36
C PHE A 389 3.80 -10.30 -12.75
N PHE A 390 4.92 -9.74 -13.21
CA PHE A 390 5.38 -9.96 -14.57
C PHE A 390 6.82 -10.46 -14.62
N MET A 391 7.13 -11.50 -13.85
CA MET A 391 8.43 -12.16 -14.04
C MET A 391 8.35 -13.62 -13.63
N HIS A 392 8.75 -14.48 -14.56
CA HIS A 392 8.83 -15.92 -14.36
C HIS A 392 10.13 -16.40 -14.99
N ARG A 393 10.30 -17.71 -15.13
CA ARG A 393 11.51 -18.24 -15.71
C ARG A 393 11.60 -17.90 -17.19
N GLY A 394 12.79 -17.50 -17.64
CA GLY A 394 13.03 -17.24 -19.03
C GLY A 394 12.84 -15.81 -19.49
N VAL A 395 12.56 -14.88 -18.57
CA VAL A 395 12.37 -13.48 -18.94
C VAL A 395 13.71 -12.87 -19.32
N PRO A 396 13.74 -11.88 -20.21
CA PRO A 396 15.01 -11.22 -20.54
C PRO A 396 15.54 -10.42 -19.36
N TYR A 397 16.75 -9.88 -19.56
CA TYR A 397 17.41 -9.15 -18.47
C TYR A 397 17.01 -7.68 -18.48
N PHE A 398 17.26 -6.97 -19.58
CA PHE A 398 17.02 -5.53 -19.61
C PHE A 398 15.55 -5.16 -19.41
N PRO A 399 14.57 -5.77 -20.11
CA PRO A 399 13.17 -5.35 -19.90
C PRO A 399 12.64 -5.65 -18.51
N ASN A 400 12.73 -6.91 -18.09
CA ASN A 400 11.98 -7.41 -16.94
C ASN A 400 12.79 -7.48 -15.65
N LEU A 401 14.09 -7.30 -15.69
CA LEU A 401 14.91 -7.48 -14.50
C LEU A 401 15.63 -6.21 -14.06
N VAL A 402 16.16 -5.43 -15.01
CA VAL A 402 16.90 -4.22 -14.65
C VAL A 402 15.97 -3.18 -14.04
N MET A 403 14.83 -2.94 -14.69
CA MET A 403 13.93 -1.86 -14.25
C MET A 403 13.36 -2.07 -12.86
N PRO A 404 12.79 -3.24 -12.51
CA PRO A 404 12.26 -3.39 -11.14
C PRO A 404 13.33 -3.25 -10.08
N ILE A 405 14.52 -3.80 -10.33
CA ILE A 405 15.61 -3.69 -9.36
C ILE A 405 16.05 -2.25 -9.21
N VAL A 406 16.13 -1.50 -10.32
CA VAL A 406 16.54 -0.11 -10.25
C VAL A 406 15.51 0.71 -9.47
N VAL A 407 14.21 0.49 -9.75
CA VAL A 407 13.17 1.24 -9.05
C VAL A 407 13.19 0.91 -7.56
N GLY A 408 13.33 -0.37 -7.22
CA GLY A 408 13.41 -0.75 -5.82
C GLY A 408 14.62 -0.17 -5.13
N GLY A 409 15.76 -0.13 -5.82
CA GLY A 409 16.95 0.45 -5.26
C GLY A 409 16.80 1.94 -5.00
N ILE A 410 16.17 2.65 -5.95
CA ILE A 410 15.93 4.08 -5.75
C ILE A 410 15.01 4.30 -4.56
N GLY A 411 13.96 3.48 -4.44
CA GLY A 411 13.06 3.61 -3.30
C GLY A 411 13.75 3.33 -1.98
N ILE A 412 14.57 2.28 -1.92
CA ILE A 412 15.28 1.95 -0.69
C ILE A 412 16.28 3.03 -0.34
N GLY A 413 16.97 3.58 -1.34
CA GLY A 413 17.89 4.68 -1.08
C GLY A 413 17.18 5.91 -0.57
N MET A 414 15.98 6.16 -1.08
CA MET A 414 15.19 7.28 -0.57
C MET A 414 14.72 7.04 0.85
N ALA A 415 14.43 5.79 1.20
CA ALA A 415 13.84 5.49 2.50
C ALA A 415 14.87 5.30 3.62
N VAL A 416 16.08 4.86 3.31
CA VAL A 416 17.05 4.53 4.36
C VAL A 416 17.48 5.78 5.12
N VAL A 417 17.82 6.84 4.39
CA VAL A 417 18.42 8.03 5.04
C VAL A 417 17.51 8.62 6.10
N PRO A 418 16.22 8.93 5.84
CA PRO A 418 15.40 9.52 6.90
C PRO A 418 15.24 8.62 8.12
N LEU A 419 15.13 7.31 7.92
CA LEU A 419 14.91 6.41 9.05
C LEU A 419 16.10 6.43 10.01
N THR A 420 17.30 6.21 9.48
CA THR A 420 18.48 6.19 10.33
C THR A 420 18.84 7.58 10.84
N LEU A 421 18.47 8.63 10.10
CA LEU A 421 18.64 9.98 10.62
C LEU A 421 17.75 10.22 11.83
N SER A 422 16.51 9.73 11.77
CA SER A 422 15.62 9.83 12.93
C SER A 422 16.10 8.95 14.07
N ALA A 423 16.78 7.85 13.76
CA ALA A 423 17.37 7.03 14.82
C ALA A 423 18.40 7.82 15.62
N ILE A 424 19.34 8.45 14.93
CA ILE A 424 20.37 9.27 15.59
C ILE A 424 19.84 10.70 15.63
N ALA A 425 19.04 10.99 16.65
CA ALA A 425 18.45 12.32 16.79
C ALA A 425 18.09 12.55 18.25
N GLY A 426 18.29 13.78 18.70
CA GLY A 426 17.94 14.14 20.07
C GLY A 426 18.70 13.38 21.12
N VAL A 427 20.00 13.17 20.92
CA VAL A 427 20.83 12.40 21.83
C VAL A 427 22.11 13.17 22.11
N GLY A 428 22.62 13.02 23.33
CA GLY A 428 23.89 13.61 23.68
C GLY A 428 25.07 12.80 23.16
N PHE A 429 26.23 13.44 23.14
CA PHE A 429 27.44 12.75 22.70
C PHE A 429 27.85 11.63 23.65
N ASP A 430 27.33 11.64 24.88
CA ASP A 430 27.57 10.58 25.84
C ASP A 430 26.47 9.52 25.83
N GLN A 431 25.51 9.63 24.92
CA GLN A 431 24.43 8.65 24.82
C GLN A 431 24.33 8.03 23.43
N ILE A 432 25.21 8.40 22.50
CA ILE A 432 25.07 7.96 21.12
C ILE A 432 25.39 6.48 20.97
N GLY A 433 26.30 5.96 21.78
CA GLY A 433 26.77 4.60 21.64
C GLY A 433 25.66 3.57 21.73
N PRO A 434 24.99 3.52 22.88
CA PRO A 434 23.89 2.55 23.03
C PRO A 434 22.76 2.74 22.02
N VAL A 435 22.43 3.98 21.65
CA VAL A 435 21.35 4.21 20.70
C VAL A 435 21.73 3.64 19.33
N SER A 436 22.95 3.92 18.88
CA SER A 436 23.41 3.38 17.61
C SER A 436 23.47 1.86 17.67
N ALA A 437 23.93 1.31 18.79
CA ALA A 437 24.00 -0.14 18.93
C ALA A 437 22.62 -0.78 18.84
N ILE A 438 21.62 -0.18 19.51
CA ILE A 438 20.28 -0.72 19.47
C ILE A 438 19.69 -0.62 18.07
N ALA A 439 19.91 0.50 17.39
CA ALA A 439 19.40 0.65 16.03
C ALA A 439 20.01 -0.39 15.09
N LEU A 440 21.33 -0.58 15.18
CA LEU A 440 21.99 -1.56 14.32
C LEU A 440 21.56 -2.97 14.68
N MET A 441 21.35 -3.25 15.97
CA MET A 441 20.87 -4.56 16.37
C MET A 441 19.49 -4.84 15.81
N LEU A 442 18.59 -3.87 15.86
CA LEU A 442 17.28 -4.06 15.28
C LEU A 442 17.36 -4.28 13.78
N GLN A 443 18.20 -3.48 13.10
CA GLN A 443 18.33 -3.62 11.65
C GLN A 443 18.84 -5.01 11.27
N SER A 444 19.84 -5.52 12.01
CA SER A 444 20.39 -6.83 11.70
C SER A 444 19.49 -7.96 12.17
N LEU A 445 18.73 -7.77 13.24
CA LEU A 445 17.89 -8.81 13.83
C LEU A 445 16.61 -9.03 13.05
N GLY A 446 15.99 -7.95 12.55
CA GLY A 446 14.75 -8.11 11.82
C GLY A 446 14.89 -8.98 10.59
N GLY A 447 16.08 -9.05 10.01
CA GLY A 447 16.33 -9.78 8.79
C GLY A 447 15.96 -11.24 8.86
N PRO A 448 16.71 -12.03 9.63
CA PRO A 448 16.40 -13.47 9.73
C PRO A 448 15.04 -13.74 10.34
N LEU A 449 14.57 -12.88 11.25
CA LEU A 449 13.33 -13.15 11.95
C LEU A 449 12.14 -13.22 11.00
N VAL A 450 12.08 -12.30 10.03
CA VAL A 450 11.03 -12.35 9.02
C VAL A 450 11.44 -13.17 7.81
N LEU A 451 12.75 -13.35 7.58
CA LEU A 451 13.19 -14.25 6.53
C LEU A 451 12.74 -15.68 6.77
N ALA A 452 12.72 -16.11 8.04
CA ALA A 452 12.21 -17.43 8.35
C ALA A 452 10.75 -17.58 7.94
N VAL A 453 9.94 -16.56 8.23
CA VAL A 453 8.53 -16.58 7.85
C VAL A 453 8.39 -16.62 6.33
N ILE A 454 9.19 -15.81 5.63
CA ILE A 454 9.11 -15.78 4.17
C ILE A 454 9.51 -17.13 3.59
N GLN A 455 10.57 -17.74 4.12
CA GLN A 455 10.99 -19.05 3.63
C GLN A 455 9.92 -20.10 3.91
N ALA A 456 9.29 -20.05 5.08
CA ALA A 456 8.22 -20.99 5.38
C ALA A 456 7.06 -20.83 4.41
N VAL A 457 6.69 -19.59 4.11
CA VAL A 457 5.60 -19.35 3.16
C VAL A 457 5.97 -19.88 1.79
N ILE A 458 7.20 -19.63 1.34
CA ILE A 458 7.62 -20.06 0.02
C ILE A 458 7.65 -21.59 -0.08
N THR A 459 8.18 -22.26 0.95
CA THR A 459 8.23 -23.72 0.89
C THR A 459 6.84 -24.32 0.99
N SER A 460 5.95 -23.71 1.79
CA SER A 460 4.58 -24.18 1.84
C SER A 460 3.90 -24.04 0.48
N ARG A 461 4.13 -22.92 -0.20
CA ARG A 461 3.53 -22.72 -1.51
C ARG A 461 4.08 -23.71 -2.53
N THR A 462 5.40 -23.95 -2.51
CA THR A 462 5.97 -24.84 -3.52
C THR A 462 5.61 -26.29 -3.26
N LEU A 463 5.37 -26.68 -2.01
CA LEU A 463 4.84 -28.01 -1.75
C LEU A 463 3.35 -28.10 -2.07
N TYR A 464 2.61 -27.00 -1.92
CA TYR A 464 1.21 -26.98 -2.32
C TYR A 464 1.08 -27.14 -3.83
N LEU A 465 1.97 -26.51 -4.60
CA LEU A 465 1.94 -26.64 -6.05
C LEU A 465 2.53 -27.96 -6.54
N GLY A 466 3.12 -28.75 -5.66
CA GLY A 466 3.68 -30.03 -6.02
C GLY A 466 5.16 -30.04 -6.33
N GLY A 467 5.93 -29.07 -5.83
CA GLY A 467 7.35 -29.01 -6.08
C GLY A 467 8.13 -29.88 -5.10
N THR A 468 9.16 -30.54 -5.61
CA THR A 468 10.02 -31.38 -4.78
C THR A 468 10.90 -30.53 -3.90
N THR A 469 11.14 -31.00 -2.68
CA THR A 469 12.00 -30.31 -1.73
C THR A 469 13.43 -30.79 -1.88
N GLY A 470 14.37 -29.85 -1.95
CA GLY A 470 15.77 -30.18 -2.05
C GLY A 470 16.52 -29.28 -3.01
N PRO A 471 17.76 -29.66 -3.35
CA PRO A 471 18.55 -28.86 -4.29
C PRO A 471 17.88 -28.80 -5.66
N VAL A 472 18.12 -27.68 -6.35
CA VAL A 472 17.46 -27.43 -7.63
C VAL A 472 18.00 -28.28 -8.76
N LYS A 473 19.09 -29.02 -8.54
CA LYS A 473 19.64 -29.86 -9.60
C LYS A 473 18.73 -31.03 -9.91
N PHE A 474 18.13 -31.64 -8.90
CA PHE A 474 17.33 -32.85 -9.11
C PHE A 474 15.96 -32.55 -9.72
N MET A 475 15.34 -31.44 -9.33
CA MET A 475 13.99 -31.15 -9.78
C MET A 475 13.96 -30.87 -11.28
N ASN A 476 12.91 -31.33 -11.94
CA ASN A 476 12.70 -31.05 -13.35
C ASN A 476 11.86 -29.79 -13.52
N ASP A 477 11.35 -29.57 -14.74
CA ASP A 477 10.77 -28.28 -15.09
C ASP A 477 9.54 -27.94 -14.24
N VAL A 478 8.70 -28.94 -13.95
CA VAL A 478 7.45 -28.66 -13.24
C VAL A 478 7.74 -28.13 -11.84
N GLN A 479 8.66 -28.74 -11.11
CA GLN A 479 9.01 -28.23 -9.79
C GLN A 479 9.71 -26.89 -9.88
N LEU A 480 10.43 -26.63 -10.97
CA LEU A 480 11.05 -25.33 -11.15
C LEU A 480 10.00 -24.24 -11.31
N ALA A 481 8.96 -24.52 -12.10
CA ALA A 481 7.86 -23.55 -12.25
C ALA A 481 7.12 -23.37 -10.93
N ALA A 482 6.91 -24.47 -10.19
CA ALA A 482 6.29 -24.35 -8.88
C ALA A 482 7.11 -23.48 -7.94
N LEU A 483 8.44 -23.65 -7.97
CA LEU A 483 9.31 -22.82 -7.15
C LEU A 483 9.25 -21.36 -7.58
N ASP A 484 9.17 -21.10 -8.88
CA ASP A 484 9.03 -19.73 -9.36
C ASP A 484 7.75 -19.08 -8.83
N HIS A 485 6.64 -19.81 -8.90
CA HIS A 485 5.38 -19.28 -8.40
C HIS A 485 5.44 -19.08 -6.89
N ALA A 486 6.08 -20.00 -6.18
CA ALA A 486 6.24 -19.84 -4.73
C ALA A 486 7.08 -18.61 -4.41
N TYR A 487 8.12 -18.34 -5.20
CA TYR A 487 8.93 -17.15 -4.99
C TYR A 487 8.12 -15.88 -5.22
N THR A 488 7.26 -15.89 -6.24
CA THR A 488 6.39 -14.74 -6.46
C THR A 488 5.43 -14.54 -5.28
N TYR A 489 4.89 -15.64 -4.74
CA TYR A 489 4.03 -15.54 -3.57
C TYR A 489 4.79 -14.99 -2.36
N GLY A 490 6.03 -15.44 -2.16
CA GLY A 490 6.84 -14.90 -1.09
C GLY A 490 7.12 -13.41 -1.28
N LEU A 491 7.30 -12.99 -2.52
CA LEU A 491 7.45 -11.57 -2.80
C LEU A 491 6.18 -10.80 -2.45
N LEU A 492 5.01 -11.39 -2.71
CA LEU A 492 3.76 -10.75 -2.30
C LEU A 492 3.71 -10.61 -0.78
N TRP A 493 4.15 -11.64 -0.06
CA TRP A 493 4.20 -11.54 1.40
C TRP A 493 5.15 -10.43 1.86
N VAL A 494 6.30 -10.32 1.20
CA VAL A 494 7.25 -9.25 1.52
C VAL A 494 6.62 -7.89 1.24
N ALA A 495 5.82 -7.80 0.18
CA ALA A 495 5.12 -6.55 -0.12
C ALA A 495 4.12 -6.21 0.97
N GLY A 496 3.41 -7.21 1.49
CA GLY A 496 2.53 -6.97 2.64
C GLY A 496 3.29 -6.50 3.85
N ALA A 497 4.47 -7.09 4.10
CA ALA A 497 5.32 -6.63 5.19
C ALA A 497 5.73 -5.18 5.00
N ALA A 498 6.04 -4.79 3.76
CA ALA A 498 6.38 -3.40 3.49
C ALA A 498 5.19 -2.48 3.71
N ILE A 499 3.97 -2.95 3.39
CA ILE A 499 2.77 -2.20 3.71
C ILE A 499 2.70 -1.95 5.21
N ILE A 500 2.99 -2.98 6.00
CA ILE A 500 3.03 -2.81 7.45
C ILE A 500 4.08 -1.78 7.83
N VAL A 501 5.26 -1.85 7.21
CA VAL A 501 6.35 -0.93 7.52
C VAL A 501 5.90 0.51 7.32
N GLY A 502 5.26 0.78 6.19
CA GLY A 502 4.75 2.13 5.95
C GLY A 502 3.68 2.52 6.94
N GLY A 503 2.84 1.56 7.33
CA GLY A 503 1.84 1.83 8.36
C GLY A 503 2.47 2.32 9.65
N MET A 504 3.57 1.69 10.07
CA MET A 504 4.24 2.17 11.28
C MET A 504 4.98 3.48 11.02
N ALA A 505 5.60 3.62 9.86
CA ALA A 505 6.36 4.83 9.56
C ALA A 505 5.47 6.06 9.46
N LEU A 506 4.17 5.87 9.21
CA LEU A 506 3.25 6.99 9.19
C LEU A 506 3.11 7.68 10.55
N PHE A 507 3.59 7.06 11.62
CA PHE A 507 3.53 7.63 12.96
C PHE A 507 4.83 8.32 13.38
N ILE A 508 5.81 8.41 12.48
CA ILE A 508 7.08 9.05 12.80
C ILE A 508 6.84 10.55 12.93
N GLY A 509 6.86 11.06 14.17
CA GLY A 509 6.49 12.41 14.49
C GLY A 509 7.56 13.47 14.40
N TYR A 510 8.79 13.10 14.02
CA TYR A 510 9.85 14.10 13.92
C TYR A 510 9.60 15.07 12.78
N THR A 511 10.17 16.27 12.91
CA THR A 511 10.18 17.31 11.91
C THR A 511 11.61 17.52 11.43
N PRO A 512 11.80 17.91 10.16
CA PRO A 512 13.17 18.06 9.66
C PRO A 512 14.00 19.07 10.43
N GLN A 513 13.38 19.96 11.20
CA GLN A 513 14.13 20.91 12.00
C GLN A 513 15.07 20.16 12.94
N GLN A 514 14.54 19.22 13.70
CA GLN A 514 15.31 18.46 14.67
C GLN A 514 16.00 17.25 14.05
N VAL A 515 16.24 17.28 12.74
CA VAL A 515 16.91 16.18 12.05
C VAL A 515 18.10 16.69 11.27
N ALA A 516 17.89 17.66 10.37
CA ALA A 516 18.94 18.07 9.45
C ALA A 516 18.96 19.59 9.26
N HIS A 517 18.91 20.35 10.36
CA HIS A 517 19.08 21.80 10.27
C HIS A 517 20.05 22.34 11.32
N ALA A 518 20.87 21.48 11.93
CA ALA A 518 21.94 21.88 12.83
C ALA A 518 21.34 22.69 13.98
N GLN A 519 21.79 23.92 14.22
CA GLN A 519 21.24 24.74 15.30
C GLN A 519 19.99 25.48 14.84
N TRP B 45 -11.15 2.71 -34.90
CA TRP B 45 -11.26 4.12 -35.26
C TRP B 45 -12.60 4.42 -35.93
N LEU B 46 -13.33 5.36 -35.33
CA LEU B 46 -14.65 5.79 -35.81
C LEU B 46 -15.57 4.57 -35.98
N PRO B 47 -16.05 3.98 -34.89
CA PRO B 47 -16.90 2.78 -35.01
C PRO B 47 -18.26 3.09 -35.62
N SER B 48 -19.10 2.06 -35.72
CA SER B 48 -20.42 2.23 -36.31
C SER B 48 -21.25 3.22 -35.50
N ARG B 49 -22.09 3.97 -36.20
CA ARG B 49 -22.97 4.94 -35.54
C ARG B 49 -23.92 4.23 -34.59
N SER B 50 -24.43 3.06 -35.00
CA SER B 50 -25.34 2.31 -34.14
C SER B 50 -24.66 1.91 -32.83
N PHE B 51 -23.40 1.50 -32.90
CA PHE B 51 -22.69 1.07 -31.69
C PHE B 51 -22.51 2.21 -30.71
N ILE B 52 -22.04 3.37 -31.20
CA ILE B 52 -21.80 4.50 -30.32
C ILE B 52 -23.13 5.03 -29.76
N ALA B 53 -24.19 5.03 -30.60
CA ALA B 53 -25.50 5.45 -30.11
C ALA B 53 -26.00 4.49 -29.04
N ALA B 54 -25.78 3.19 -29.23
CA ALA B 54 -26.23 2.21 -28.24
C ALA B 54 -25.49 2.38 -26.92
N VAL B 55 -24.17 2.55 -26.96
CA VAL B 55 -23.43 2.70 -25.70
C VAL B 55 -23.82 3.99 -25.00
N ILE B 56 -24.02 5.07 -25.74
CA ILE B 56 -24.45 6.33 -25.13
C ILE B 56 -25.82 6.17 -24.49
N ALA B 57 -26.76 5.53 -25.22
CA ALA B 57 -28.11 5.36 -24.68
C ALA B 57 -28.10 4.48 -23.44
N ILE B 58 -27.26 3.44 -23.43
CA ILE B 58 -27.23 2.54 -22.28
C ILE B 58 -26.63 3.22 -21.06
N GLY B 59 -25.51 3.94 -21.24
CA GLY B 59 -24.95 4.65 -20.10
C GLY B 59 -25.66 5.93 -19.73
N GLY B 60 -26.66 6.30 -20.53
CA GLY B 60 -27.38 7.53 -20.28
C GLY B 60 -28.06 7.57 -18.93
N MET B 61 -28.54 6.43 -18.46
CA MET B 61 -29.24 6.44 -17.18
C MET B 61 -28.29 6.80 -16.04
N GLN B 62 -27.11 6.19 -15.99
CA GLN B 62 -26.15 6.57 -14.95
C GLN B 62 -25.71 8.01 -15.11
N LEU B 63 -25.44 8.44 -16.36
CA LEU B 63 -25.06 9.82 -16.57
C LEU B 63 -26.11 10.78 -16.00
N LEU B 64 -27.38 10.56 -16.38
CA LEU B 64 -28.45 11.44 -15.97
C LEU B 64 -28.66 11.39 -14.46
N ALA B 65 -28.64 10.19 -13.87
CA ALA B 65 -28.90 10.07 -12.44
C ALA B 65 -27.80 10.75 -11.63
N THR B 66 -26.53 10.51 -11.98
CA THR B 66 -25.43 11.12 -11.25
C THR B 66 -25.43 12.64 -11.42
N MET B 67 -25.68 13.11 -12.65
CA MET B 67 -25.72 14.55 -12.89
C MET B 67 -26.85 15.20 -12.11
N ASP B 68 -28.03 14.56 -12.08
CA ASP B 68 -29.15 15.10 -11.34
C ASP B 68 -28.87 15.12 -9.84
N SER B 69 -28.26 14.05 -9.32
CA SER B 69 -27.93 14.01 -7.90
C SER B 69 -26.93 15.11 -7.54
N THR B 70 -25.92 15.31 -8.38
CA THR B 70 -24.94 16.36 -8.11
C THR B 70 -25.60 17.74 -8.17
N VAL B 71 -26.47 17.97 -9.15
CA VAL B 71 -27.17 19.26 -9.23
C VAL B 71 -28.03 19.48 -8.01
N ALA B 72 -28.71 18.43 -7.54
CA ALA B 72 -29.55 18.55 -6.34
C ALA B 72 -28.70 18.90 -5.13
N ILE B 73 -27.55 18.24 -4.97
CA ILE B 73 -26.67 18.55 -3.84
C ILE B 73 -26.19 19.99 -3.92
N VAL B 74 -25.80 20.45 -5.11
CA VAL B 74 -25.31 21.81 -5.26
C VAL B 74 -26.41 22.83 -4.95
N ALA B 75 -27.61 22.60 -5.47
CA ALA B 75 -28.70 23.57 -5.38
C ALA B 75 -29.56 23.38 -4.14
N LEU B 76 -29.20 22.46 -3.24
CA LEU B 76 -29.97 22.28 -2.02
C LEU B 76 -30.10 23.55 -1.19
N PRO B 77 -29.03 24.31 -0.89
CA PRO B 77 -29.22 25.51 -0.06
C PRO B 77 -30.16 26.54 -0.65
N LYS B 78 -30.17 26.69 -1.98
CA LYS B 78 -31.05 27.67 -2.61
C LYS B 78 -32.52 27.28 -2.45
N ILE B 79 -32.82 25.98 -2.47
CA ILE B 79 -34.20 25.53 -2.27
C ILE B 79 -34.66 25.91 -0.87
N GLN B 80 -33.80 25.75 0.13
CA GLN B 80 -34.17 26.08 1.50
C GLN B 80 -34.51 27.56 1.65
N ASN B 81 -33.72 28.44 1.01
CA ASN B 81 -33.95 29.87 1.15
C ASN B 81 -35.21 30.31 0.41
N GLU B 82 -35.40 29.82 -0.82
CA GLU B 82 -36.51 30.29 -1.64
C GLU B 82 -37.84 29.75 -1.12
N LEU B 83 -37.88 28.45 -0.79
CA LEU B 83 -39.12 27.79 -0.39
C LEU B 83 -39.38 27.91 1.11
N SER B 84 -38.42 28.42 1.87
CA SER B 84 -38.51 28.49 3.34
C SER B 84 -38.69 27.09 3.92
N LEU B 85 -37.67 26.26 3.70
CA LEU B 85 -37.67 24.86 4.12
C LEU B 85 -36.86 24.70 5.40
N SER B 86 -37.25 23.71 6.21
CA SER B 86 -36.56 23.42 7.45
C SER B 86 -35.46 22.39 7.21
N ASP B 87 -34.69 22.10 8.27
CA ASP B 87 -33.63 21.10 8.15
C ASP B 87 -34.21 19.71 7.91
N ALA B 88 -35.41 19.44 8.42
CA ALA B 88 -36.07 18.17 8.11
C ALA B 88 -36.29 18.04 6.62
N GLY B 89 -36.78 19.09 5.95
CA GLY B 89 -36.89 19.07 4.52
C GLY B 89 -35.55 19.01 3.82
N ARG B 90 -34.53 19.67 4.39
CA ARG B 90 -33.18 19.56 3.85
C ARG B 90 -32.73 18.10 3.80
N SER B 91 -33.08 17.33 4.82
CA SER B 91 -32.82 15.89 4.77
C SER B 91 -33.72 15.20 3.74
N TRP B 92 -35.02 15.52 3.77
CA TRP B 92 -36.00 14.78 2.97
C TRP B 92 -35.73 14.89 1.48
N VAL B 93 -35.20 16.03 1.02
CA VAL B 93 -35.02 16.26 -0.41
C VAL B 93 -34.15 15.16 -1.02
N ILE B 94 -33.03 14.83 -0.37
CA ILE B 94 -32.20 13.74 -0.84
C ILE B 94 -32.68 12.39 -0.30
N THR B 95 -33.34 12.40 0.85
CA THR B 95 -33.77 11.14 1.48
C THR B 95 -34.77 10.40 0.60
N ALA B 96 -35.74 11.12 0.02
CA ALA B 96 -36.74 10.46 -0.82
C ALA B 96 -36.08 9.80 -2.03
N TYR B 97 -35.20 10.53 -2.71
CA TYR B 97 -34.56 9.99 -3.90
C TYR B 97 -33.71 8.79 -3.57
N VAL B 98 -32.88 8.89 -2.52
CA VAL B 98 -32.03 7.76 -2.18
C VAL B 98 -32.87 6.59 -1.68
N LEU B 99 -33.98 6.88 -0.99
CA LEU B 99 -34.88 5.85 -0.50
C LEU B 99 -35.44 5.03 -1.66
N THR B 100 -36.02 5.70 -2.65
CA THR B 100 -36.60 4.95 -3.77
C THR B 100 -35.56 4.43 -4.75
N PHE B 101 -34.34 4.98 -4.73
CA PHE B 101 -33.28 4.42 -5.57
C PHE B 101 -32.74 3.13 -4.99
N GLY B 102 -32.60 3.07 -3.66
CA GLY B 102 -32.08 1.86 -3.04
C GLY B 102 -33.13 0.82 -2.74
N GLY B 103 -34.41 1.23 -2.68
CA GLY B 103 -35.45 0.28 -2.30
C GLY B 103 -35.90 -0.60 -3.46
N LEU B 104 -36.16 0.01 -4.61
CA LEU B 104 -36.79 -0.68 -5.73
C LEU B 104 -35.80 -1.13 -6.80
N MET B 105 -34.50 -1.03 -6.55
CA MET B 105 -33.53 -1.28 -7.61
C MET B 105 -33.45 -2.76 -7.96
N LEU B 106 -33.59 -3.65 -6.97
CA LEU B 106 -33.64 -5.07 -7.26
C LEU B 106 -34.93 -5.43 -7.97
N LEU B 107 -36.04 -4.81 -7.55
CA LEU B 107 -37.29 -4.93 -8.27
C LEU B 107 -37.13 -4.50 -9.72
N GLY B 108 -36.41 -3.41 -9.95
CA GLY B 108 -36.13 -3.00 -11.32
C GLY B 108 -35.26 -3.98 -12.08
N GLY B 109 -34.27 -4.55 -11.40
CA GLY B 109 -33.41 -5.53 -12.06
C GLY B 109 -34.16 -6.75 -12.54
N ARG B 110 -35.07 -7.27 -11.71
CA ARG B 110 -35.88 -8.39 -12.16
C ARG B 110 -36.98 -7.97 -13.13
N LEU B 111 -37.51 -6.76 -12.97
CA LEU B 111 -38.52 -6.27 -13.89
C LEU B 111 -37.96 -6.07 -15.29
N GLY B 112 -36.65 -5.81 -15.38
CA GLY B 112 -36.00 -5.79 -16.68
C GLY B 112 -36.13 -7.13 -17.40
N ASP B 113 -35.99 -8.23 -16.65
CA ASP B 113 -36.12 -9.54 -17.26
C ASP B 113 -37.58 -9.88 -17.55
N THR B 114 -38.51 -9.45 -16.68
CA THR B 114 -39.88 -9.92 -16.83
C THR B 114 -40.66 -9.17 -17.92
N ILE B 115 -40.21 -7.99 -18.35
CA ILE B 115 -40.93 -7.26 -19.40
C ILE B 115 -40.03 -7.05 -20.62
N GLY B 116 -38.72 -6.96 -20.41
CA GLY B 116 -37.81 -6.66 -21.49
C GLY B 116 -36.92 -5.48 -21.18
N ARG B 117 -35.61 -5.66 -21.30
CA ARG B 117 -34.65 -4.67 -20.80
C ARG B 117 -34.77 -3.35 -21.55
N LYS B 118 -34.90 -3.39 -22.88
CA LYS B 118 -35.05 -2.15 -23.64
C LYS B 118 -36.30 -1.39 -23.21
N ARG B 119 -37.42 -2.10 -23.09
CA ARG B 119 -38.69 -1.44 -22.85
C ARG B 119 -38.77 -0.89 -21.43
N THR B 120 -38.26 -1.64 -20.45
CA THR B 120 -38.22 -1.12 -19.08
C THR B 120 -37.20 -0.01 -18.94
N PHE B 121 -36.11 -0.04 -19.72
CA PHE B 121 -35.19 1.10 -19.71
C PHE B 121 -35.86 2.35 -20.23
N ILE B 122 -36.64 2.21 -21.30
CA ILE B 122 -37.41 3.34 -21.82
C ILE B 122 -38.36 3.87 -20.76
N VAL B 123 -39.07 2.94 -20.09
CA VAL B 123 -40.03 3.35 -19.05
C VAL B 123 -39.32 4.08 -17.92
N GLY B 124 -38.18 3.55 -17.48
CA GLY B 124 -37.48 4.17 -16.36
C GLY B 124 -36.95 5.54 -16.68
N VAL B 125 -36.34 5.71 -17.87
CA VAL B 125 -35.81 7.01 -18.23
C VAL B 125 -36.94 8.01 -18.45
N ALA B 126 -38.04 7.57 -19.05
CA ALA B 126 -39.19 8.45 -19.23
C ALA B 126 -39.76 8.88 -17.88
N LEU B 127 -39.85 7.95 -16.93
CA LEU B 127 -40.36 8.30 -15.61
C LEU B 127 -39.43 9.28 -14.91
N PHE B 128 -38.12 9.08 -15.03
CA PHE B 128 -37.17 10.03 -14.45
C PHE B 128 -37.32 11.41 -15.06
N THR B 129 -37.48 11.48 -16.38
CA THR B 129 -37.64 12.77 -17.04
C THR B 129 -38.92 13.46 -16.60
N ILE B 130 -40.02 12.72 -16.52
CA ILE B 130 -41.30 13.31 -16.10
C ILE B 130 -41.21 13.77 -14.66
N SER B 131 -40.55 12.99 -13.79
CA SER B 131 -40.39 13.40 -12.41
C SER B 131 -39.53 14.66 -12.29
N SER B 132 -38.49 14.77 -13.11
CA SER B 132 -37.70 16.00 -13.12
C SER B 132 -38.53 17.19 -13.59
N VAL B 133 -39.38 16.99 -14.59
CA VAL B 133 -40.27 18.05 -15.05
C VAL B 133 -41.19 18.49 -13.92
N LEU B 134 -41.75 17.52 -13.18
CA LEU B 134 -42.66 17.85 -12.08
C LEU B 134 -41.91 18.56 -10.96
N CYS B 135 -40.66 18.17 -10.71
CA CYS B 135 -39.85 18.84 -9.69
C CYS B 135 -39.54 20.27 -10.08
N ALA B 136 -39.31 20.51 -11.37
CA ALA B 136 -38.98 21.86 -11.84
C ALA B 136 -40.13 22.84 -11.66
N VAL B 137 -41.35 22.37 -11.44
CA VAL B 137 -42.50 23.24 -11.22
C VAL B 137 -43.05 23.08 -9.80
N ALA B 138 -42.25 22.55 -8.89
CA ALA B 138 -42.68 22.37 -7.52
C ALA B 138 -42.85 23.73 -6.83
N TRP B 139 -43.86 23.81 -5.95
CA TRP B 139 -44.12 25.04 -5.20
C TRP B 139 -44.20 24.82 -3.69
N ASP B 140 -44.18 23.58 -3.22
CA ASP B 140 -44.19 23.31 -1.79
C ASP B 140 -43.42 22.03 -1.53
N GLU B 141 -43.30 21.70 -0.24
CA GLU B 141 -42.48 20.55 0.16
C GLU B 141 -43.06 19.24 -0.34
N ALA B 142 -44.38 19.07 -0.25
CA ALA B 142 -45.00 17.79 -0.56
C ALA B 142 -44.78 17.39 -2.01
N THR B 143 -45.03 18.33 -2.94
CA THR B 143 -44.88 17.99 -4.35
C THR B 143 -43.43 17.73 -4.72
N LEU B 144 -42.49 18.45 -4.11
CA LEU B 144 -41.08 18.21 -4.39
C LEU B 144 -40.63 16.86 -3.85
N VAL B 145 -41.14 16.48 -2.67
CA VAL B 145 -40.81 15.17 -2.12
C VAL B 145 -41.39 14.06 -3.00
N ILE B 146 -42.62 14.26 -3.50
CA ILE B 146 -43.21 13.29 -4.41
C ILE B 146 -42.40 13.18 -5.70
N ALA B 147 -41.93 14.32 -6.22
CA ALA B 147 -41.10 14.32 -7.42
C ALA B 147 -39.79 13.58 -7.17
N ARG B 148 -39.17 13.80 -6.01
CA ARG B 148 -37.94 13.09 -5.70
C ARG B 148 -38.19 11.58 -5.58
N LEU B 149 -39.32 11.20 -5.00
CA LEU B 149 -39.66 9.78 -4.92
C LEU B 149 -39.84 9.18 -6.32
N SER B 150 -40.50 9.92 -7.20
CA SER B 150 -40.68 9.43 -8.57
C SER B 150 -39.35 9.33 -9.30
N GLN B 151 -38.44 10.29 -9.06
CA GLN B 151 -37.10 10.20 -9.63
C GLN B 151 -36.36 8.97 -9.12
N GLY B 152 -36.51 8.68 -7.83
CA GLY B 152 -35.91 7.46 -7.29
C GLY B 152 -36.48 6.21 -7.92
N VAL B 153 -37.79 6.18 -8.13
CA VAL B 153 -38.42 5.04 -8.80
C VAL B 153 -37.85 4.87 -10.19
N GLY B 154 -37.76 5.96 -10.95
CA GLY B 154 -37.21 5.88 -12.29
C GLY B 154 -35.77 5.40 -12.31
N SER B 155 -34.95 5.91 -11.40
CA SER B 155 -33.54 5.50 -11.34
C SER B 155 -33.43 4.02 -10.98
N ALA B 156 -34.22 3.57 -10.00
CA ALA B 156 -34.16 2.18 -9.58
C ALA B 156 -34.61 1.25 -10.69
N ILE B 157 -35.61 1.65 -11.46
CA ILE B 157 -36.06 0.82 -12.58
C ILE B 157 -35.01 0.80 -13.70
N ALA B 158 -34.36 1.93 -13.95
CA ALA B 158 -33.61 2.05 -15.20
C ALA B 158 -32.13 1.70 -15.08
N SER B 159 -31.45 2.07 -13.97
CA SER B 159 -30.00 1.94 -13.96
C SER B 159 -29.50 0.50 -13.88
N PRO B 160 -30.05 -0.38 -13.03
CA PRO B 160 -29.62 -1.79 -13.11
C PRO B 160 -29.92 -2.41 -14.45
N THR B 161 -31.04 -2.01 -15.07
CA THR B 161 -31.28 -2.40 -16.45
C THR B 161 -30.23 -1.83 -17.39
N GLY B 162 -29.68 -0.65 -17.06
CA GLY B 162 -28.59 -0.12 -17.84
C GLY B 162 -27.35 -1.02 -17.78
N LEU B 163 -27.01 -1.48 -16.58
CA LEU B 163 -25.88 -2.41 -16.47
C LEU B 163 -26.17 -3.72 -17.19
N ALA B 164 -27.39 -4.23 -17.06
CA ALA B 164 -27.77 -5.45 -17.76
C ALA B 164 -27.69 -5.27 -19.28
N LEU B 165 -28.00 -4.08 -19.76
CA LEU B 165 -27.91 -3.80 -21.19
C LEU B 165 -26.45 -3.66 -21.64
N VAL B 166 -25.59 -3.16 -20.76
CA VAL B 166 -24.15 -3.22 -21.03
C VAL B 166 -23.72 -4.66 -21.22
N ALA B 167 -24.17 -5.55 -20.33
CA ALA B 167 -23.68 -6.92 -20.32
C ALA B 167 -24.43 -7.85 -21.27
N THR B 168 -25.53 -7.41 -21.87
CA THR B 168 -26.41 -8.31 -22.62
C THR B 168 -26.38 -8.04 -24.12
N THR B 169 -26.65 -6.80 -24.53
CA THR B 169 -26.73 -6.50 -25.96
C THR B 169 -25.40 -6.74 -26.67
N PHE B 170 -24.29 -6.35 -26.04
CA PHE B 170 -22.99 -6.56 -26.62
C PHE B 170 -22.39 -7.86 -26.11
N PRO B 171 -22.07 -8.81 -26.98
CA PRO B 171 -21.49 -10.07 -26.50
C PRO B 171 -20.12 -9.86 -25.88
N LYS B 172 -19.67 -10.87 -25.14
CA LYS B 172 -18.39 -10.80 -24.47
C LYS B 172 -17.26 -10.59 -25.50
N GLY B 173 -16.32 -9.73 -25.15
CA GLY B 173 -15.23 -9.40 -26.05
C GLY B 173 -14.92 -7.92 -26.06
N PRO B 174 -14.34 -7.44 -27.16
CA PRO B 174 -14.01 -6.01 -27.26
C PRO B 174 -15.22 -5.10 -27.15
N ALA B 175 -16.37 -5.54 -27.65
CA ALA B 175 -17.57 -4.71 -27.56
C ALA B 175 -17.97 -4.46 -26.11
N ARG B 176 -17.90 -5.49 -25.27
CA ARG B 176 -18.23 -5.32 -23.86
C ARG B 176 -17.24 -4.40 -23.17
N ASN B 177 -15.95 -4.52 -23.52
CA ASN B 177 -14.94 -3.64 -22.93
C ASN B 177 -15.22 -2.18 -23.29
N ALA B 178 -15.52 -1.93 -24.58
CA ALA B 178 -15.83 -0.57 -25.00
C ALA B 178 -17.10 -0.05 -24.32
N ALA B 179 -18.11 -0.90 -24.20
CA ALA B 179 -19.34 -0.49 -23.53
C ALA B 179 -19.09 -0.13 -22.08
N THR B 180 -18.29 -0.93 -21.37
CA THR B 180 -17.95 -0.62 -19.99
C THR B 180 -17.16 0.68 -19.87
N ALA B 181 -16.20 0.89 -20.79
CA ALA B 181 -15.43 2.12 -20.77
C ALA B 181 -16.33 3.33 -20.97
N VAL B 182 -17.25 3.26 -21.93
CA VAL B 182 -18.18 4.37 -22.16
C VAL B 182 -19.07 4.57 -20.94
N PHE B 183 -19.56 3.47 -20.36
CA PHE B 183 -20.37 3.51 -19.15
C PHE B 183 -19.70 4.36 -18.06
N ALA B 184 -18.50 3.94 -17.65
CA ALA B 184 -17.82 4.63 -16.57
C ALA B 184 -17.44 6.06 -16.97
N ALA B 185 -16.97 6.25 -18.20
CA ALA B 185 -16.53 7.57 -18.62
C ALA B 185 -17.68 8.56 -18.59
N MET B 186 -18.84 8.19 -19.12
CA MET B 186 -19.95 9.12 -19.14
C MET B 186 -20.65 9.21 -17.79
N THR B 187 -20.47 8.24 -16.90
CA THR B 187 -20.88 8.45 -15.51
C THR B 187 -20.08 9.59 -14.88
N ALA B 188 -18.75 9.55 -15.07
CA ALA B 188 -17.91 10.64 -14.57
C ALA B 188 -18.27 11.96 -15.24
N ILE B 189 -18.53 11.92 -16.55
CA ILE B 189 -18.93 13.13 -17.28
C ILE B 189 -20.21 13.69 -16.69
N GLY B 190 -21.20 12.83 -16.43
CA GLY B 190 -22.43 13.29 -15.83
C GLY B 190 -22.21 13.95 -14.49
N SER B 191 -21.41 13.32 -13.63
CA SER B 191 -21.15 13.90 -12.31
C SER B 191 -20.51 15.28 -12.42
N VAL B 192 -19.43 15.38 -13.19
CA VAL B 192 -18.67 16.64 -13.22
C VAL B 192 -19.47 17.72 -13.95
N MET B 193 -20.14 17.37 -15.05
CA MET B 193 -20.92 18.36 -15.77
C MET B 193 -22.15 18.79 -14.98
N GLY B 194 -22.69 17.92 -14.13
CA GLY B 194 -23.73 18.35 -13.21
C GLY B 194 -23.21 19.32 -12.17
N LEU B 195 -21.99 19.08 -11.67
CA LEU B 195 -21.39 20.07 -10.79
C LEU B 195 -21.22 21.41 -11.49
N VAL B 196 -20.79 21.37 -12.76
CA VAL B 196 -20.65 22.59 -13.55
C VAL B 196 -21.99 23.30 -13.71
N VAL B 197 -23.03 22.54 -14.02
CA VAL B 197 -24.36 23.13 -14.23
C VAL B 197 -24.86 23.76 -12.93
N GLY B 198 -24.70 23.05 -11.81
CA GLY B 198 -25.12 23.61 -10.53
C GLY B 198 -24.36 24.89 -10.19
N GLY B 199 -23.05 24.92 -10.47
CA GLY B 199 -22.29 26.12 -10.22
C GLY B 199 -22.69 27.27 -11.12
N ALA B 200 -23.02 26.98 -12.38
CA ALA B 200 -23.35 28.04 -13.34
C ALA B 200 -24.74 28.60 -13.07
N LEU B 201 -25.68 27.75 -12.68
CA LEU B 201 -27.07 28.16 -12.51
C LEU B 201 -27.41 28.48 -11.05
N THR B 202 -26.40 28.75 -10.23
CA THR B 202 -26.67 29.15 -8.85
C THR B 202 -27.17 30.59 -8.74
N GLU B 203 -26.89 31.42 -9.74
CA GLU B 203 -27.40 32.78 -9.72
C GLU B 203 -28.90 32.81 -10.02
N VAL B 204 -29.32 32.06 -11.03
CA VAL B 204 -30.74 31.95 -11.38
C VAL B 204 -31.43 31.04 -10.38
N SER B 205 -32.76 31.02 -10.41
CA SER B 205 -33.51 30.21 -9.46
C SER B 205 -33.22 28.73 -9.66
N TRP B 206 -33.41 27.94 -8.60
CA TRP B 206 -33.13 26.52 -8.66
C TRP B 206 -34.09 25.77 -9.58
N ARG B 207 -35.18 26.42 -10.00
CA ARG B 207 -36.12 25.77 -10.91
C ARG B 207 -35.45 25.42 -12.23
N TRP B 208 -34.62 26.33 -12.75
CA TRP B 208 -33.93 26.07 -14.00
C TRP B 208 -32.86 24.98 -13.86
N ALA B 209 -32.39 24.72 -12.64
CA ALA B 209 -31.33 23.74 -12.46
C ALA B 209 -31.80 22.32 -12.82
N PHE B 210 -33.02 21.98 -12.46
CA PHE B 210 -33.54 20.64 -12.71
C PHE B 210 -34.02 20.43 -14.14
N LEU B 211 -34.10 21.50 -14.94
CA LEU B 211 -34.63 21.38 -16.29
C LEU B 211 -33.64 20.79 -17.29
N VAL B 212 -32.35 20.74 -16.96
CA VAL B 212 -31.39 20.12 -17.86
C VAL B 212 -31.58 18.61 -17.94
N ASN B 213 -32.30 18.03 -16.98
CA ASN B 213 -32.69 16.63 -17.07
C ASN B 213 -33.59 16.35 -18.26
N VAL B 214 -34.28 17.36 -18.76
CA VAL B 214 -35.30 17.18 -19.79
C VAL B 214 -34.69 16.93 -21.16
N PRO B 215 -33.87 17.85 -21.71
CA PRO B 215 -33.35 17.58 -23.07
C PRO B 215 -32.46 16.35 -23.14
N ILE B 216 -31.63 16.14 -22.11
CA ILE B 216 -30.78 14.96 -22.09
C ILE B 216 -31.63 13.69 -22.04
N GLY B 217 -32.65 13.69 -21.18
CA GLY B 217 -33.51 12.53 -21.08
C GLY B 217 -34.24 12.24 -22.38
N LEU B 218 -34.78 13.27 -23.02
CA LEU B 218 -35.49 13.07 -24.28
C LEU B 218 -34.55 12.55 -25.37
N VAL B 219 -33.37 13.16 -25.50
CA VAL B 219 -32.47 12.73 -26.56
C VAL B 219 -31.96 11.31 -26.31
N MET B 220 -31.76 10.93 -25.05
CA MET B 220 -31.26 9.58 -24.80
C MET B 220 -32.36 8.54 -24.90
N ILE B 221 -33.61 8.92 -24.63
CA ILE B 221 -34.73 8.04 -24.94
C ILE B 221 -34.83 7.83 -26.44
N TYR B 222 -34.65 8.90 -27.22
CA TYR B 222 -34.64 8.77 -28.68
C TYR B 222 -33.51 7.85 -29.14
N LEU B 223 -32.33 7.99 -28.53
CA LEU B 223 -31.20 7.13 -28.89
C LEU B 223 -31.51 5.67 -28.58
N ALA B 224 -32.08 5.40 -27.40
CA ALA B 224 -32.44 4.03 -27.05
C ALA B 224 -33.53 3.48 -27.97
N ARG B 225 -34.45 4.34 -28.42
CA ARG B 225 -35.49 3.91 -29.35
C ARG B 225 -34.89 3.52 -30.70
N THR B 226 -34.06 4.40 -31.27
CA THR B 226 -33.59 4.18 -32.63
C THR B 226 -32.47 3.16 -32.71
N ALA B 227 -31.56 3.15 -31.73
CA ALA B 227 -30.31 2.40 -31.87
C ALA B 227 -30.40 1.00 -31.28
N LEU B 228 -30.81 0.89 -30.01
CA LEU B 228 -30.71 -0.38 -29.30
C LEU B 228 -31.64 -1.42 -29.92
N ARG B 229 -31.12 -2.64 -30.07
CA ARG B 229 -31.83 -3.71 -30.74
C ARG B 229 -32.56 -4.58 -29.72
N GLU B 230 -33.82 -4.90 -30.02
CA GLU B 230 -34.62 -5.77 -29.16
C GLU B 230 -34.38 -7.23 -29.50
N THR B 231 -34.26 -8.05 -28.46
CA THR B 231 -34.05 -9.48 -28.63
C THR B 231 -35.39 -10.15 -28.95
N ASN B 232 -35.41 -11.49 -28.89
CA ASN B 232 -36.63 -12.24 -29.15
C ASN B 232 -37.68 -11.97 -28.07
N LYS B 233 -38.85 -12.56 -28.27
CA LYS B 233 -39.97 -12.40 -27.33
C LYS B 233 -40.00 -13.59 -26.37
N GLU B 234 -38.93 -13.71 -25.58
CA GLU B 234 -38.87 -14.73 -24.52
C GLU B 234 -39.38 -14.11 -23.21
N ARG B 235 -40.67 -13.79 -23.21
CA ARG B 235 -41.31 -13.21 -22.04
C ARG B 235 -41.21 -14.18 -20.86
N MET B 236 -40.87 -13.64 -19.70
CA MET B 236 -40.57 -14.45 -18.53
C MET B 236 -41.28 -13.87 -17.32
N LYS B 237 -41.77 -14.75 -16.44
CA LYS B 237 -42.62 -14.32 -15.34
C LYS B 237 -41.80 -13.98 -14.10
N LEU B 238 -42.29 -12.99 -13.34
CA LEU B 238 -41.66 -12.49 -12.14
C LEU B 238 -42.31 -13.08 -10.90
N ASP B 239 -41.50 -13.29 -9.86
CA ASP B 239 -41.98 -13.78 -8.57
C ASP B 239 -42.26 -12.58 -7.68
N ALA B 240 -43.54 -12.37 -7.35
CA ALA B 240 -43.93 -11.13 -6.66
C ALA B 240 -43.43 -11.11 -5.21
N THR B 241 -43.51 -12.24 -4.51
CA THR B 241 -43.23 -12.24 -3.08
C THR B 241 -41.77 -11.90 -2.79
N GLY B 242 -40.83 -12.49 -3.54
CA GLY B 242 -39.43 -12.17 -3.32
C GLY B 242 -39.11 -10.73 -3.64
N ALA B 243 -39.67 -10.22 -4.74
CA ALA B 243 -39.42 -8.83 -5.12
C ALA B 243 -39.95 -7.87 -4.08
N ILE B 244 -41.17 -8.10 -3.59
CA ILE B 244 -41.74 -7.19 -2.60
C ILE B 244 -40.98 -7.28 -1.27
N LEU B 245 -40.54 -8.49 -0.89
CA LEU B 245 -39.76 -8.62 0.33
C LEU B 245 -38.43 -7.89 0.22
N ALA B 246 -37.75 -8.03 -0.91
CA ALA B 246 -36.47 -7.33 -1.10
C ALA B 246 -36.69 -5.82 -1.10
N THR B 247 -37.75 -5.36 -1.77
CA THR B 247 -38.04 -3.93 -1.78
C THR B 247 -38.29 -3.41 -0.37
N LEU B 248 -39.09 -4.14 0.42
CA LEU B 248 -39.37 -3.71 1.78
C LEU B 248 -38.10 -3.67 2.63
N ALA B 249 -37.26 -4.70 2.53
CA ALA B 249 -36.03 -4.72 3.31
C ALA B 249 -35.13 -3.56 2.93
N CYS B 250 -34.94 -3.33 1.63
CA CYS B 250 -34.05 -2.25 1.19
C CYS B 250 -34.60 -0.88 1.60
N THR B 251 -35.91 -0.66 1.42
CA THR B 251 -36.46 0.65 1.75
C THR B 251 -36.40 0.89 3.26
N ALA B 252 -36.66 -0.13 4.07
CA ALA B 252 -36.57 0.05 5.52
C ALA B 252 -35.13 0.33 5.94
N ALA B 253 -34.16 -0.37 5.36
CA ALA B 253 -32.76 -0.12 5.71
C ALA B 253 -32.34 1.30 5.33
N VAL B 254 -32.71 1.74 4.13
CA VAL B 254 -32.33 3.08 3.69
C VAL B 254 -33.00 4.14 4.57
N PHE B 255 -34.28 3.94 4.87
CA PHE B 255 -34.98 4.88 5.74
C PHE B 255 -34.33 4.95 7.11
N ALA B 256 -33.96 3.80 7.68
CA ALA B 256 -33.30 3.78 8.98
C ALA B 256 -31.98 4.55 8.93
N PHE B 257 -31.15 4.25 7.92
CA PHE B 257 -29.85 4.89 7.85
C PHE B 257 -29.97 6.40 7.64
N SER B 258 -30.97 6.83 6.86
CA SER B 258 -31.13 8.25 6.60
C SER B 258 -31.71 8.98 7.80
N ILE B 259 -32.61 8.33 8.54
CA ILE B 259 -33.23 8.98 9.70
C ILE B 259 -32.38 8.86 10.96
N GLY B 260 -31.31 8.07 10.91
CA GLY B 260 -30.40 7.92 12.03
C GLY B 260 -29.88 9.24 12.60
N PRO B 261 -29.04 9.95 11.82
CA PRO B 261 -28.39 11.14 12.37
C PRO B 261 -29.33 12.28 12.69
N GLU B 262 -30.48 12.37 12.01
CA GLU B 262 -31.38 13.50 12.21
C GLU B 262 -32.26 13.29 13.45
N LYS B 263 -33.01 12.20 13.49
CA LYS B 263 -33.97 11.95 14.55
C LYS B 263 -33.36 11.32 15.80
N GLY B 264 -32.09 10.94 15.75
CA GLY B 264 -31.47 10.24 16.85
C GLY B 264 -31.20 8.79 16.47
N TRP B 265 -30.10 8.25 17.01
CA TRP B 265 -29.67 6.92 16.60
C TRP B 265 -30.37 5.80 17.37
N MET B 266 -30.87 6.08 18.57
CA MET B 266 -31.62 5.09 19.34
C MET B 266 -33.06 5.52 19.57
N SER B 267 -33.60 6.37 18.71
CA SER B 267 -35.01 6.74 18.80
C SER B 267 -35.88 5.56 18.40
N GLY B 268 -37.19 5.69 18.67
CA GLY B 268 -38.09 4.61 18.35
C GLY B 268 -38.17 4.31 16.87
N ILE B 269 -38.23 5.36 16.05
CA ILE B 269 -38.44 5.17 14.61
C ILE B 269 -37.25 4.47 13.97
N THR B 270 -36.03 4.86 14.35
CA THR B 270 -34.85 4.29 13.71
C THR B 270 -34.68 2.81 14.08
N ILE B 271 -34.86 2.47 15.35
CA ILE B 271 -34.72 1.07 15.76
C ILE B 271 -35.86 0.23 15.18
N GLY B 272 -37.08 0.79 15.12
CA GLY B 272 -38.17 0.08 14.52
C GLY B 272 -37.95 -0.20 13.04
N SER B 273 -37.48 0.81 12.30
CA SER B 273 -37.18 0.60 10.89
C SER B 273 -36.04 -0.39 10.71
N GLY B 274 -35.03 -0.35 11.59
CA GLY B 274 -33.95 -1.32 11.49
C GLY B 274 -34.41 -2.74 11.72
N LEU B 275 -35.24 -2.96 12.74
CA LEU B 275 -35.73 -4.32 13.00
C LEU B 275 -36.68 -4.78 11.90
N VAL B 276 -37.49 -3.86 11.35
CA VAL B 276 -38.34 -4.22 10.22
C VAL B 276 -37.48 -4.61 9.02
N ALA B 277 -36.41 -3.87 8.76
CA ALA B 277 -35.51 -4.21 7.67
C ALA B 277 -34.87 -5.57 7.87
N LEU B 278 -34.44 -5.86 9.10
CA LEU B 278 -33.80 -7.15 9.37
C LEU B 278 -34.80 -8.30 9.19
N ALA B 279 -36.02 -8.13 9.70
CA ALA B 279 -37.03 -9.17 9.54
C ALA B 279 -37.39 -9.37 8.07
N ALA B 280 -37.53 -8.28 7.32
CA ALA B 280 -37.83 -8.40 5.90
C ALA B 280 -36.68 -9.09 5.17
N ALA B 281 -35.44 -8.77 5.53
CA ALA B 281 -34.29 -9.38 4.88
C ALA B 281 -34.23 -10.89 5.15
N VAL B 282 -34.47 -11.30 6.40
CA VAL B 282 -34.39 -12.72 6.71
C VAL B 282 -35.54 -13.48 6.06
N ALA B 283 -36.74 -12.88 6.04
CA ALA B 283 -37.86 -13.50 5.33
C ALA B 283 -37.57 -13.59 3.83
N PHE B 284 -36.96 -12.55 3.27
CA PHE B 284 -36.60 -12.56 1.86
C PHE B 284 -35.61 -13.66 1.54
N VAL B 285 -34.62 -13.85 2.41
CA VAL B 285 -33.65 -14.94 2.22
C VAL B 285 -34.35 -16.30 2.29
N ILE B 286 -35.25 -16.46 3.27
CA ILE B 286 -35.95 -17.73 3.41
C ILE B 286 -36.78 -18.03 2.17
N VAL B 287 -37.48 -17.01 1.65
CA VAL B 287 -38.27 -17.22 0.44
C VAL B 287 -37.38 -17.51 -0.76
N GLU B 288 -36.27 -16.79 -0.90
CA GLU B 288 -35.36 -17.02 -2.02
C GLU B 288 -34.74 -18.40 -1.97
N ARG B 289 -34.64 -18.99 -0.77
CA ARG B 289 -34.09 -20.34 -0.67
C ARG B 289 -34.88 -21.35 -1.51
N THR B 290 -36.18 -21.12 -1.68
CA THR B 290 -37.04 -22.04 -2.42
C THR B 290 -37.75 -21.37 -3.59
N ALA B 291 -37.27 -20.22 -4.05
CA ALA B 291 -37.89 -19.51 -5.14
C ALA B 291 -37.57 -20.19 -6.47
N GLU B 292 -38.61 -20.44 -7.28
CA GLU B 292 -38.39 -21.04 -8.59
C GLU B 292 -37.68 -20.08 -9.54
N ASN B 293 -37.91 -18.78 -9.36
CA ASN B 293 -37.28 -17.74 -10.17
C ASN B 293 -36.64 -16.74 -9.22
N PRO B 294 -35.48 -17.08 -8.65
CA PRO B 294 -34.93 -16.28 -7.56
C PRO B 294 -34.75 -14.82 -7.95
N VAL B 295 -35.17 -13.93 -7.04
CA VAL B 295 -34.91 -12.51 -7.21
C VAL B 295 -33.40 -12.24 -7.14
N VAL B 296 -32.72 -12.85 -6.19
CA VAL B 296 -31.28 -12.84 -6.10
C VAL B 296 -30.80 -14.29 -6.15
N PRO B 297 -29.93 -14.66 -7.08
CA PRO B 297 -29.49 -16.06 -7.16
C PRO B 297 -28.43 -16.34 -6.12
N PHE B 298 -28.79 -17.06 -5.07
CA PHE B 298 -27.78 -17.57 -4.16
C PHE B 298 -26.99 -18.72 -4.77
N HIS B 299 -27.46 -19.23 -5.91
CA HIS B 299 -26.75 -20.28 -6.63
C HIS B 299 -25.43 -19.76 -7.20
N LEU B 300 -25.43 -18.53 -7.70
CA LEU B 300 -24.29 -17.99 -8.43
C LEU B 300 -23.16 -17.52 -7.53
N PHE B 301 -23.35 -17.53 -6.21
CA PHE B 301 -22.29 -17.20 -5.27
C PHE B 301 -21.46 -18.42 -4.91
N ARG B 302 -21.59 -19.52 -5.65
CA ARG B 302 -20.74 -20.68 -5.41
C ARG B 302 -19.28 -20.33 -5.58
N ASP B 303 -18.95 -19.58 -6.63
CA ASP B 303 -17.57 -19.17 -6.87
C ASP B 303 -17.15 -18.16 -5.81
N ARG B 304 -16.11 -18.51 -5.06
CA ARG B 304 -15.64 -17.60 -4.02
C ARG B 304 -14.95 -16.37 -4.61
N ASN B 305 -14.38 -16.51 -5.81
CA ASN B 305 -13.80 -15.36 -6.48
C ASN B 305 -14.88 -14.32 -6.80
N ARG B 306 -16.09 -14.78 -7.12
CA ARG B 306 -17.19 -13.83 -7.35
C ARG B 306 -17.54 -13.08 -6.08
N LEU B 307 -17.56 -13.77 -4.94
CA LEU B 307 -17.82 -13.08 -3.67
C LEU B 307 -16.73 -12.07 -3.38
N VAL B 308 -15.48 -12.43 -3.63
CA VAL B 308 -14.36 -11.50 -3.46
C VAL B 308 -14.55 -10.28 -4.36
N THR B 309 -14.93 -10.52 -5.62
CA THR B 309 -15.11 -9.43 -6.57
C THR B 309 -16.23 -8.50 -6.13
N PHE B 310 -17.34 -9.06 -5.64
CA PHE B 310 -18.47 -8.23 -5.22
C PHE B 310 -18.12 -7.41 -3.98
N SER B 311 -17.42 -8.02 -3.02
CA SER B 311 -17.01 -7.26 -1.84
C SER B 311 -16.01 -6.17 -2.22
N ALA B 312 -15.10 -6.48 -3.15
CA ALA B 312 -14.18 -5.46 -3.64
C ALA B 312 -14.90 -4.32 -4.33
N ILE B 313 -15.94 -4.65 -5.10
CA ILE B 313 -16.75 -3.61 -5.74
C ILE B 313 -17.39 -2.72 -4.69
N LEU B 314 -17.97 -3.34 -3.66
CA LEU B 314 -18.59 -2.56 -2.58
C LEU B 314 -17.60 -1.59 -1.96
N LEU B 315 -16.45 -2.10 -1.54
CA LEU B 315 -15.52 -1.25 -0.81
C LEU B 315 -14.85 -0.21 -1.72
N ALA B 316 -14.59 -0.57 -2.98
CA ALA B 316 -14.02 0.38 -3.93
C ALA B 316 -15.00 1.50 -4.25
N GLY B 317 -16.28 1.16 -4.44
CA GLY B 317 -17.27 2.20 -4.63
C GLY B 317 -17.40 3.09 -3.40
N GLY B 318 -17.28 2.50 -2.21
CA GLY B 318 -17.28 3.30 -1.00
C GLY B 318 -16.13 4.28 -0.95
N VAL B 319 -14.92 3.79 -1.25
CA VAL B 319 -13.75 4.66 -1.26
C VAL B 319 -13.91 5.77 -2.29
N MET B 320 -14.42 5.43 -3.48
CA MET B 320 -14.56 6.42 -4.53
C MET B 320 -15.58 7.48 -4.15
N PHE B 321 -16.71 7.08 -3.57
CA PHE B 321 -17.73 8.04 -3.15
C PHE B 321 -17.22 8.92 -2.01
N SER B 322 -16.50 8.33 -1.06
CA SER B 322 -15.91 9.14 0.01
C SER B 322 -14.92 10.14 -0.54
N LEU B 323 -14.12 9.72 -1.53
CA LEU B 323 -13.20 10.65 -2.19
C LEU B 323 -13.96 11.78 -2.85
N THR B 324 -15.05 11.46 -3.56
CA THR B 324 -15.85 12.52 -4.20
C THR B 324 -16.34 13.53 -3.18
N VAL B 325 -16.97 13.04 -2.10
CA VAL B 325 -17.55 13.95 -1.11
C VAL B 325 -16.45 14.78 -0.45
N CYS B 326 -15.35 14.14 -0.06
CA CYS B 326 -14.29 14.85 0.64
C CYS B 326 -13.65 15.90 -0.26
N ILE B 327 -13.37 15.56 -1.51
CA ILE B 327 -12.77 16.53 -2.43
C ILE B 327 -13.72 17.69 -2.66
N GLY B 328 -15.01 17.41 -2.88
CA GLY B 328 -15.95 18.50 -3.10
C GLY B 328 -16.02 19.44 -1.91
N LEU B 329 -16.13 18.88 -0.71
CA LEU B 329 -16.23 19.71 0.49
C LEU B 329 -14.94 20.49 0.72
N TYR B 330 -13.79 19.84 0.53
CA TYR B 330 -12.50 20.50 0.77
C TYR B 330 -12.27 21.64 -0.21
N VAL B 331 -12.62 21.43 -1.48
CA VAL B 331 -12.42 22.48 -2.47
C VAL B 331 -13.41 23.63 -2.25
N GLN B 332 -14.67 23.31 -1.95
CA GLN B 332 -15.67 24.36 -1.82
C GLN B 332 -15.54 25.14 -0.52
N ASP B 333 -15.00 24.52 0.52
CA ASP B 333 -14.94 25.17 1.83
C ASP B 333 -13.57 25.76 2.13
N ILE B 334 -12.52 24.93 2.06
CA ILE B 334 -11.19 25.38 2.46
C ILE B 334 -10.60 26.34 1.44
N LEU B 335 -10.45 25.88 0.20
CA LEU B 335 -9.88 26.72 -0.85
C LEU B 335 -10.83 27.83 -1.29
N GLY B 336 -12.09 27.78 -0.89
CA GLY B 336 -13.04 28.81 -1.28
C GLY B 336 -13.32 28.88 -2.76
N TYR B 337 -13.49 27.73 -3.40
CA TYR B 337 -13.80 27.68 -4.83
C TYR B 337 -15.31 27.50 -5.01
N SER B 338 -15.87 28.24 -5.95
CA SER B 338 -17.28 28.09 -6.27
C SER B 338 -17.54 26.74 -6.94
N ALA B 339 -18.81 26.35 -6.98
CA ALA B 339 -19.17 25.06 -7.57
C ALA B 339 -18.82 25.01 -9.04
N LEU B 340 -19.01 26.13 -9.76
CA LEU B 340 -18.57 26.19 -11.15
C LEU B 340 -17.05 26.04 -11.25
N ARG B 341 -16.32 26.70 -10.35
CA ARG B 341 -14.87 26.55 -10.32
C ARG B 341 -14.47 25.10 -10.01
N ALA B 342 -15.19 24.47 -9.08
CA ALA B 342 -14.91 23.07 -8.78
C ALA B 342 -15.15 22.18 -9.99
N GLY B 343 -16.22 22.44 -10.74
CA GLY B 343 -16.49 21.64 -11.93
C GLY B 343 -15.45 21.84 -13.02
N VAL B 344 -15.06 23.08 -13.27
CA VAL B 344 -14.05 23.30 -14.31
C VAL B 344 -12.69 22.80 -13.85
N GLY B 345 -12.48 22.68 -12.53
CA GLY B 345 -11.25 22.08 -12.04
C GLY B 345 -11.28 20.56 -12.09
N PHE B 346 -12.46 19.96 -12.01
CA PHE B 346 -12.60 18.51 -12.09
C PHE B 346 -12.77 18.01 -13.52
N ILE B 347 -12.95 18.92 -14.48
CA ILE B 347 -12.91 18.50 -15.90
C ILE B 347 -11.62 17.76 -16.23
N PRO B 348 -10.43 18.20 -15.78
CA PRO B 348 -9.24 17.37 -15.98
C PRO B 348 -9.36 15.99 -15.36
N PHE B 349 -10.11 15.84 -14.27
CA PHE B 349 -10.38 14.51 -13.75
C PHE B 349 -11.15 13.67 -14.76
N VAL B 350 -12.13 14.28 -15.43
CA VAL B 350 -12.87 13.57 -16.48
C VAL B 350 -11.93 13.13 -17.59
N ILE B 351 -11.04 14.03 -18.02
CA ILE B 351 -10.10 13.68 -19.09
C ILE B 351 -9.22 12.51 -18.66
N ALA B 352 -8.64 12.61 -17.45
CA ALA B 352 -7.73 11.59 -16.97
C ALA B 352 -8.43 10.26 -16.82
N MET B 353 -9.67 10.26 -16.32
CA MET B 353 -10.44 9.03 -16.24
C MET B 353 -10.74 8.49 -17.63
N GLY B 354 -10.91 9.37 -18.62
CA GLY B 354 -11.11 8.90 -19.98
C GLY B 354 -9.91 8.12 -20.50
N ILE B 355 -8.71 8.68 -20.33
CA ILE B 355 -7.51 7.96 -20.75
C ILE B 355 -7.36 6.67 -19.95
N GLY B 356 -7.60 6.73 -18.63
CA GLY B 356 -7.46 5.53 -17.82
C GLY B 356 -8.40 4.42 -18.24
N LEU B 357 -9.66 4.76 -18.50
CA LEU B 357 -10.64 3.76 -18.92
C LEU B 357 -10.31 3.20 -20.29
N GLY B 358 -9.88 4.06 -21.22
CA GLY B 358 -9.49 3.55 -22.53
C GLY B 358 -8.31 2.60 -22.45
N VAL B 359 -7.29 2.96 -21.67
CA VAL B 359 -6.12 2.11 -21.51
C VAL B 359 -6.51 0.79 -20.86
N SER B 360 -7.36 0.84 -19.82
CA SER B 360 -7.78 -0.38 -19.15
C SER B 360 -8.59 -1.27 -20.09
N SER B 361 -9.47 -0.69 -20.89
CA SER B 361 -10.25 -1.47 -21.83
C SER B 361 -9.34 -2.14 -22.86
N GLN B 362 -8.31 -1.43 -23.32
CA GLN B 362 -7.36 -2.03 -24.25
C GLN B 362 -6.57 -3.16 -23.58
N LEU B 363 -6.18 -2.97 -22.31
CA LEU B 363 -5.27 -3.90 -21.65
C LEU B 363 -5.97 -5.10 -21.02
N VAL B 364 -7.29 -5.07 -20.84
CA VAL B 364 -7.97 -6.20 -20.22
C VAL B 364 -7.79 -7.47 -21.05
N SER B 365 -7.74 -7.33 -22.38
CA SER B 365 -7.61 -8.49 -23.24
C SER B 365 -6.27 -9.21 -23.09
N ARG B 366 -5.30 -8.61 -22.41
CA ARG B 366 -3.99 -9.23 -22.22
C ARG B 366 -3.65 -9.52 -20.78
N PHE B 367 -3.95 -8.61 -19.85
CA PHE B 367 -3.59 -8.75 -18.46
C PHE B 367 -4.79 -9.18 -17.63
N SER B 368 -4.51 -9.85 -16.51
CA SER B 368 -5.56 -10.31 -15.63
C SER B 368 -6.26 -9.13 -14.96
N PRO B 369 -7.55 -9.26 -14.62
CA PRO B 369 -8.22 -8.18 -13.89
C PRO B 369 -7.56 -7.86 -12.57
N ARG B 370 -6.99 -8.85 -11.89
CA ARG B 370 -6.24 -8.62 -10.66
C ARG B 370 -5.11 -7.62 -10.91
N VAL B 371 -4.33 -7.84 -11.96
CA VAL B 371 -3.18 -6.99 -12.23
C VAL B 371 -3.60 -5.56 -12.51
N LEU B 372 -4.60 -5.38 -13.38
CA LEU B 372 -5.03 -4.03 -13.73
C LEU B 372 -5.67 -3.32 -12.55
N THR B 373 -6.45 -4.04 -11.75
CA THR B 373 -7.02 -3.44 -10.55
C THR B 373 -5.92 -2.99 -9.59
N ILE B 374 -4.90 -3.82 -9.41
CA ILE B 374 -3.82 -3.47 -8.49
C ILE B 374 -3.03 -2.27 -9.02
N GLY B 375 -2.79 -2.21 -10.33
CA GLY B 375 -2.07 -1.09 -10.89
C GLY B 375 -2.83 0.22 -10.78
N GLY B 376 -4.13 0.19 -11.10
CA GLY B 376 -4.95 1.37 -10.93
C GLY B 376 -5.02 1.82 -9.48
N GLY B 377 -5.14 0.86 -8.56
CA GLY B 377 -5.11 1.21 -7.14
C GLY B 377 -3.78 1.77 -6.71
N TYR B 378 -2.69 1.30 -7.31
CA TYR B 378 -1.37 1.82 -6.98
C TYR B 378 -1.25 3.28 -7.40
N LEU B 379 -1.72 3.59 -8.62
CA LEU B 379 -1.69 4.98 -9.06
C LEU B 379 -2.60 5.85 -8.19
N LEU B 380 -3.79 5.36 -7.86
CA LEU B 380 -4.71 6.12 -7.01
C LEU B 380 -4.13 6.33 -5.62
N PHE B 381 -3.45 5.31 -5.08
CA PHE B 381 -2.86 5.42 -3.76
C PHE B 381 -1.71 6.42 -3.75
N GLY B 382 -0.89 6.41 -4.80
CA GLY B 382 0.13 7.46 -4.90
C GLY B 382 -0.48 8.84 -4.95
N ALA B 383 -1.55 9.01 -5.72
CA ALA B 383 -2.22 10.30 -5.78
C ALA B 383 -2.76 10.72 -4.42
N MET B 384 -3.40 9.79 -3.70
CA MET B 384 -3.95 10.12 -2.38
C MET B 384 -2.84 10.47 -1.39
N LEU B 385 -1.73 9.74 -1.43
CA LEU B 385 -0.62 10.06 -0.54
C LEU B 385 -0.07 11.45 -0.83
N TYR B 386 0.11 11.78 -2.11
CA TYR B 386 0.59 13.11 -2.46
C TYR B 386 -0.39 14.19 -2.00
N GLY B 387 -1.69 13.93 -2.16
CA GLY B 387 -2.68 14.88 -1.71
C GLY B 387 -2.67 15.07 -0.21
N SER B 388 -2.46 13.98 0.53
CA SER B 388 -2.46 14.04 1.99
C SER B 388 -1.15 14.56 2.57
N PHE B 389 -0.10 14.67 1.77
CA PHE B 389 1.18 15.14 2.30
C PHE B 389 1.53 16.56 1.90
N PHE B 390 1.24 16.98 0.67
CA PHE B 390 1.69 18.29 0.18
C PHE B 390 0.54 19.12 -0.35
N MET B 391 -0.53 19.27 0.44
CA MET B 391 -1.56 20.24 0.06
C MET B 391 -2.27 20.75 1.31
N HIS B 392 -2.28 22.07 1.45
CA HIS B 392 -2.98 22.78 2.52
C HIS B 392 -3.67 23.98 1.90
N ARG B 393 -4.18 24.89 2.73
CA ARG B 393 -4.86 26.07 2.21
C ARG B 393 -3.88 27.00 1.53
N GLY B 394 -4.29 27.53 0.37
CA GLY B 394 -3.49 28.50 -0.35
C GLY B 394 -2.56 27.95 -1.41
N VAL B 395 -2.60 26.65 -1.67
CA VAL B 395 -1.74 26.05 -2.70
C VAL B 395 -2.22 26.47 -4.08
N PRO B 396 -1.34 26.58 -5.06
CA PRO B 396 -1.77 26.91 -6.42
C PRO B 396 -2.59 25.78 -7.02
N TYR B 397 -3.11 26.04 -8.22
CA TYR B 397 -3.98 25.08 -8.89
C TYR B 397 -3.18 24.10 -9.73
N PHE B 398 -2.41 24.61 -10.70
CA PHE B 398 -1.71 23.72 -11.63
C PHE B 398 -0.68 22.83 -10.93
N PRO B 399 0.23 23.33 -10.07
CA PRO B 399 1.23 22.43 -9.46
C PRO B 399 0.61 21.38 -8.54
N ASN B 400 -0.16 21.83 -7.55
CA ASN B 400 -0.52 20.99 -6.42
C ASN B 400 -1.92 20.37 -6.51
N LEU B 401 -2.73 20.77 -7.47
CA LEU B 401 -4.10 20.28 -7.53
C LEU B 401 -4.42 19.51 -8.80
N VAL B 402 -3.92 19.95 -9.95
CA VAL B 402 -4.23 19.27 -11.21
C VAL B 402 -3.59 17.89 -11.23
N MET B 403 -2.30 17.81 -10.89
CA MET B 403 -1.57 16.55 -11.01
C MET B 403 -2.10 15.44 -10.12
N PRO B 404 -2.34 15.64 -8.82
CA PRO B 404 -2.87 14.52 -8.02
C PRO B 404 -4.23 14.04 -8.50
N ILE B 405 -5.10 14.98 -8.90
CA ILE B 405 -6.42 14.59 -9.39
C ILE B 405 -6.30 13.82 -10.70
N VAL B 406 -5.41 14.25 -11.59
CA VAL B 406 -5.23 13.55 -12.85
C VAL B 406 -4.70 12.14 -12.61
N VAL B 407 -3.72 12.00 -11.73
CA VAL B 407 -3.15 10.68 -11.46
C VAL B 407 -4.20 9.77 -10.83
N GLY B 408 -4.97 10.29 -9.86
CA GLY B 408 -6.02 9.51 -9.27
C GLY B 408 -7.10 9.11 -10.26
N GLY B 409 -7.44 10.02 -11.18
CA GLY B 409 -8.42 9.69 -12.19
C GLY B 409 -7.93 8.62 -13.14
N ILE B 410 -6.66 8.68 -13.53
CA ILE B 410 -6.09 7.64 -14.38
C ILE B 410 -6.12 6.30 -13.66
N GLY B 411 -5.75 6.29 -12.37
CA GLY B 411 -5.79 5.04 -11.61
C GLY B 411 -7.18 4.48 -11.48
N ILE B 412 -8.17 5.34 -11.19
CA ILE B 412 -9.55 4.87 -11.06
C ILE B 412 -10.06 4.36 -12.39
N GLY B 413 -9.75 5.04 -13.48
CA GLY B 413 -10.15 4.55 -14.79
C GLY B 413 -9.52 3.22 -15.14
N MET B 414 -8.28 3.01 -14.71
CA MET B 414 -7.64 1.72 -14.91
C MET B 414 -8.28 0.64 -14.07
N ALA B 415 -8.75 0.98 -12.87
CA ALA B 415 -9.26 -0.02 -11.94
C ALA B 415 -10.73 -0.37 -12.13
N VAL B 416 -11.54 0.56 -12.64
CA VAL B 416 -12.99 0.32 -12.72
C VAL B 416 -13.31 -0.79 -13.70
N VAL B 417 -12.71 -0.74 -14.91
CA VAL B 417 -13.11 -1.67 -15.96
C VAL B 417 -12.92 -3.13 -15.57
N PRO B 418 -11.76 -3.56 -15.07
CA PRO B 418 -11.63 -4.99 -14.72
C PRO B 418 -12.59 -5.44 -13.63
N LEU B 419 -12.86 -4.59 -12.64
CA LEU B 419 -13.74 -4.99 -11.54
C LEU B 419 -15.15 -5.27 -12.03
N THR B 420 -15.74 -4.32 -12.76
CA THR B 420 -17.10 -4.51 -13.24
C THR B 420 -17.16 -5.56 -14.36
N LEU B 421 -16.07 -5.74 -15.11
CA LEU B 421 -16.02 -6.83 -16.08
C LEU B 421 -16.06 -8.18 -15.37
N SER B 422 -15.34 -8.30 -14.26
CA SER B 422 -15.40 -9.53 -13.48
C SER B 422 -16.77 -9.70 -12.82
N ALA B 423 -17.45 -8.60 -12.51
CA ALA B 423 -18.81 -8.70 -11.98
C ALA B 423 -19.74 -9.37 -12.99
N ILE B 424 -19.74 -8.87 -14.22
CA ILE B 424 -20.57 -9.44 -15.30
C ILE B 424 -19.71 -10.48 -16.01
N ALA B 425 -19.69 -11.70 -15.46
CA ALA B 425 -18.89 -12.78 -16.04
C ALA B 425 -19.45 -14.11 -15.60
N GLY B 426 -19.43 -15.09 -16.52
CA GLY B 426 -19.91 -16.42 -16.21
C GLY B 426 -21.37 -16.48 -15.83
N VAL B 427 -22.22 -15.73 -16.53
CA VAL B 427 -23.65 -15.67 -16.24
C VAL B 427 -24.42 -15.85 -17.53
N GLY B 428 -25.59 -16.48 -17.40
CA GLY B 428 -26.48 -16.60 -18.53
C GLY B 428 -27.27 -15.33 -18.79
N PHE B 429 -27.84 -15.26 -19.99
CA PHE B 429 -28.66 -14.10 -20.35
C PHE B 429 -29.94 -14.02 -19.52
N ASP B 430 -30.34 -15.11 -18.88
CA ASP B 430 -31.48 -15.14 -17.99
C ASP B 430 -31.09 -14.93 -16.53
N GLN B 431 -29.81 -14.67 -16.25
CA GLN B 431 -29.34 -14.44 -14.89
C GLN B 431 -28.65 -13.09 -14.73
N ILE B 432 -28.55 -12.31 -15.80
CA ILE B 432 -27.74 -11.08 -15.76
C ILE B 432 -28.41 -10.01 -14.90
N GLY B 433 -29.74 -9.97 -14.86
CA GLY B 433 -30.46 -8.94 -14.18
C GLY B 433 -30.12 -8.82 -12.71
N PRO B 434 -30.38 -9.89 -11.94
CA PRO B 434 -30.05 -9.85 -10.51
C PRO B 434 -28.58 -9.61 -10.23
N VAL B 435 -27.67 -10.17 -11.03
CA VAL B 435 -26.25 -9.98 -10.79
C VAL B 435 -25.87 -8.52 -10.97
N SER B 436 -26.33 -7.91 -12.05
CA SER B 436 -26.06 -6.49 -12.27
C SER B 436 -26.68 -5.64 -11.17
N ALA B 437 -27.90 -6.00 -10.74
CA ALA B 437 -28.55 -5.23 -9.68
C ALA B 437 -27.77 -5.32 -8.39
N ILE B 438 -27.27 -6.52 -8.04
CA ILE B 438 -26.49 -6.67 -6.81
C ILE B 438 -25.19 -5.90 -6.90
N ALA B 439 -24.52 -5.96 -8.04
CA ALA B 439 -23.26 -5.23 -8.20
C ALA B 439 -23.48 -3.73 -8.06
N LEU B 440 -24.52 -3.20 -8.71
CA LEU B 440 -24.80 -1.77 -8.62
C LEU B 440 -25.23 -1.38 -7.21
N MET B 441 -25.98 -2.25 -6.54
CA MET B 441 -26.37 -1.98 -5.16
C MET B 441 -25.16 -1.90 -4.25
N LEU B 442 -24.22 -2.82 -4.40
CA LEU B 442 -23.01 -2.77 -3.59
C LEU B 442 -22.21 -1.51 -3.88
N GLN B 443 -22.09 -1.15 -5.17
CA GLN B 443 -21.33 0.04 -5.54
C GLN B 443 -21.95 1.29 -4.93
N SER B 444 -23.28 1.41 -4.98
CA SER B 444 -23.95 2.58 -4.43
C SER B 444 -24.02 2.56 -2.90
N LEU B 445 -24.09 1.37 -2.29
CA LEU B 445 -24.24 1.24 -0.84
C LEU B 445 -22.94 1.47 -0.10
N GLY B 446 -21.82 0.99 -0.65
CA GLY B 446 -20.55 1.17 0.03
C GLY B 446 -20.20 2.63 0.28
N GLY B 447 -20.70 3.52 -0.58
CA GLY B 447 -20.38 4.92 -0.51
C GLY B 447 -20.68 5.58 0.82
N PRO B 448 -21.97 5.74 1.14
CA PRO B 448 -22.33 6.37 2.42
C PRO B 448 -21.86 5.57 3.63
N LEU B 449 -21.79 4.24 3.54
CA LEU B 449 -21.46 3.41 4.68
C LEU B 449 -20.06 3.73 5.21
N VAL B 450 -19.08 3.91 4.31
CA VAL B 450 -17.75 4.29 4.73
C VAL B 450 -17.57 5.80 4.76
N LEU B 451 -18.41 6.54 4.04
CA LEU B 451 -18.39 8.01 4.13
C LEU B 451 -18.74 8.46 5.53
N ALA B 452 -19.66 7.76 6.20
CA ALA B 452 -19.98 8.11 7.59
C ALA B 452 -18.76 7.96 8.48
N VAL B 453 -18.00 6.87 8.31
CA VAL B 453 -16.79 6.66 9.10
C VAL B 453 -15.77 7.75 8.80
N ILE B 454 -15.60 8.09 7.53
CA ILE B 454 -14.63 9.12 7.16
C ILE B 454 -15.03 10.47 7.77
N GLN B 455 -16.32 10.81 7.70
CA GLN B 455 -16.78 12.06 8.28
C GLN B 455 -16.58 12.08 9.78
N ALA B 456 -16.85 10.95 10.45
CA ALA B 456 -16.64 10.87 11.89
C ALA B 456 -15.17 11.07 12.24
N VAL B 457 -14.28 10.45 11.47
CA VAL B 457 -12.84 10.62 11.71
C VAL B 457 -12.44 12.08 11.51
N ILE B 458 -12.94 12.71 10.44
CA ILE B 458 -12.56 14.09 10.14
C ILE B 458 -13.06 15.03 11.23
N THR B 459 -14.31 14.85 11.68
CA THR B 459 -14.83 15.75 12.71
C THR B 459 -14.15 15.50 14.05
N SER B 460 -13.80 14.25 14.36
CA SER B 460 -13.04 13.98 15.57
C SER B 460 -11.68 14.65 15.52
N ARG B 461 -11.01 14.59 14.36
CA ARG B 461 -9.71 15.24 14.23
C ARG B 461 -9.82 16.75 14.36
N THR B 462 -10.84 17.35 13.73
CA THR B 462 -10.92 18.81 13.77
C THR B 462 -11.36 19.31 15.13
N LEU B 463 -12.11 18.52 15.90
CA LEU B 463 -12.37 18.89 17.29
C LEU B 463 -11.17 18.64 18.18
N TYR B 464 -10.35 17.63 17.86
CA TYR B 464 -9.12 17.42 18.61
C TYR B 464 -8.14 18.57 18.40
N LEU B 465 -8.06 19.10 17.19
CA LEU B 465 -7.20 20.24 16.91
C LEU B 465 -7.77 21.56 17.39
N GLY B 466 -9.02 21.57 17.85
CA GLY B 466 -9.64 22.77 18.36
C GLY B 466 -10.49 23.55 17.36
N GLY B 467 -10.98 22.89 16.31
CA GLY B 467 -11.80 23.58 15.32
C GLY B 467 -13.27 23.63 15.74
N THR B 468 -13.90 24.76 15.46
CA THR B 468 -15.31 24.94 15.77
C THR B 468 -16.18 24.12 14.82
N THR B 469 -17.26 23.58 15.35
CA THR B 469 -18.20 22.79 14.56
C THR B 469 -19.28 23.70 13.99
N GLY B 470 -19.56 23.56 12.70
CA GLY B 470 -20.59 24.32 12.05
C GLY B 470 -20.20 24.79 10.66
N PRO B 471 -20.98 25.71 10.09
CA PRO B 471 -20.66 26.24 8.77
C PRO B 471 -19.32 26.96 8.77
N VAL B 472 -18.66 26.92 7.61
CA VAL B 472 -17.31 27.49 7.48
C VAL B 472 -17.29 29.01 7.49
N LYS B 473 -18.46 29.66 7.42
CA LYS B 473 -18.49 31.12 7.41
C LYS B 473 -18.08 31.69 8.76
N PHE B 474 -18.51 31.07 9.86
CA PHE B 474 -18.25 31.62 11.19
C PHE B 474 -16.82 31.40 11.65
N MET B 475 -16.23 30.26 11.32
CA MET B 475 -14.90 29.93 11.81
C MET B 475 -13.85 30.87 11.22
N ASN B 476 -12.86 31.22 12.04
CA ASN B 476 -11.75 32.05 11.59
C ASN B 476 -10.60 31.15 11.13
N ASP B 477 -9.41 31.74 10.95
CA ASP B 477 -8.33 31.04 10.26
C ASP B 477 -7.88 29.79 11.00
N VAL B 478 -7.84 29.83 12.34
CA VAL B 478 -7.30 28.69 13.09
C VAL B 478 -8.17 27.46 12.89
N GLN B 479 -9.49 27.61 12.98
CA GLN B 479 -10.37 26.47 12.73
C GLN B 479 -10.32 26.03 11.28
N LEU B 480 -10.06 26.95 10.35
CA LEU B 480 -9.91 26.57 8.95
C LEU B 480 -8.68 25.68 8.76
N ALA B 481 -7.56 26.04 9.39
CA ALA B 481 -6.36 25.20 9.33
C ALA B 481 -6.60 23.86 10.00
N ALA B 482 -7.32 23.86 11.13
CA ALA B 482 -7.65 22.60 11.79
C ALA B 482 -8.49 21.72 10.88
N LEU B 483 -9.45 22.31 10.17
CA LEU B 483 -10.28 21.55 9.23
C LEU B 483 -9.44 21.02 8.08
N ASP B 484 -8.48 21.80 7.60
CA ASP B 484 -7.60 21.32 6.54
C ASP B 484 -6.81 20.10 6.99
N HIS B 485 -6.24 20.17 8.20
CA HIS B 485 -5.49 19.03 8.72
C HIS B 485 -6.39 17.82 8.94
N ALA B 486 -7.61 18.05 9.41
CA ALA B 486 -8.56 16.96 9.58
C ALA B 486 -8.91 16.32 8.23
N TYR B 487 -9.04 17.14 7.19
CA TYR B 487 -9.32 16.60 5.86
C TYR B 487 -8.15 15.76 5.36
N THR B 488 -6.92 16.20 5.61
CA THR B 488 -5.76 15.38 5.25
C THR B 488 -5.76 14.05 6.01
N TYR B 489 -6.12 14.08 7.29
CA TYR B 489 -6.20 12.85 8.07
C TYR B 489 -7.28 11.92 7.51
N GLY B 490 -8.43 12.48 7.14
CA GLY B 490 -9.46 11.67 6.52
C GLY B 490 -9.01 11.07 5.20
N LEU B 491 -8.21 11.82 4.44
CA LEU B 491 -7.63 11.27 3.22
C LEU B 491 -6.69 10.10 3.54
N LEU B 492 -5.93 10.22 4.63
CA LEU B 492 -5.09 9.10 5.03
C LEU B 492 -5.93 7.87 5.37
N TRP B 493 -7.07 8.09 6.04
CA TRP B 493 -7.97 6.97 6.33
C TRP B 493 -8.52 6.35 5.05
N VAL B 494 -8.87 7.19 4.08
CA VAL B 494 -9.35 6.69 2.78
C VAL B 494 -8.24 5.89 2.09
N ALA B 495 -7.00 6.33 2.23
CA ALA B 495 -5.87 5.59 1.66
C ALA B 495 -5.73 4.23 2.32
N GLY B 496 -5.91 4.15 3.64
CA GLY B 496 -5.93 2.86 4.30
C GLY B 496 -7.05 1.97 3.80
N ALA B 497 -8.22 2.55 3.58
CA ALA B 497 -9.33 1.78 3.01
C ALA B 497 -8.98 1.25 1.63
N ALA B 498 -8.29 2.06 0.83
CA ALA B 498 -7.86 1.59 -0.49
C ALA B 498 -6.83 0.47 -0.38
N ILE B 499 -5.96 0.54 0.64
CA ILE B 499 -5.05 -0.57 0.92
C ILE B 499 -5.85 -1.84 1.16
N ILE B 500 -6.90 -1.73 1.97
CA ILE B 500 -7.77 -2.88 2.21
C ILE B 500 -8.37 -3.37 0.89
N VAL B 501 -8.83 -2.44 0.05
CA VAL B 501 -9.45 -2.80 -1.23
C VAL B 501 -8.50 -3.62 -2.06
N GLY B 502 -7.25 -3.18 -2.17
CA GLY B 502 -6.27 -3.96 -2.92
C GLY B 502 -5.99 -5.30 -2.28
N GLY B 503 -6.00 -5.35 -0.95
CA GLY B 503 -5.84 -6.62 -0.27
C GLY B 503 -6.91 -7.63 -0.66
N MET B 504 -8.15 -7.17 -0.76
CA MET B 504 -9.20 -8.10 -1.21
C MET B 504 -9.08 -8.39 -2.70
N ALA B 505 -8.74 -7.38 -3.50
CA ALA B 505 -8.66 -7.58 -4.94
C ALA B 505 -7.53 -8.52 -5.33
N LEU B 506 -6.54 -8.70 -4.46
CA LEU B 506 -5.48 -9.67 -4.73
C LEU B 506 -5.98 -11.10 -4.80
N PHE B 507 -7.20 -11.37 -4.33
CA PHE B 507 -7.79 -12.70 -4.38
C PHE B 507 -8.70 -12.93 -5.57
N ILE B 508 -8.80 -11.97 -6.48
CA ILE B 508 -9.65 -12.10 -7.66
C ILE B 508 -9.02 -13.14 -8.58
N GLY B 509 -9.62 -14.33 -8.64
CA GLY B 509 -9.09 -15.48 -9.33
C GLY B 509 -9.40 -15.62 -10.81
N TYR B 510 -10.15 -14.69 -11.38
CA TYR B 510 -10.47 -14.79 -12.81
C TYR B 510 -9.23 -14.60 -13.68
N THR B 511 -9.29 -15.17 -14.87
CA THR B 511 -8.30 -15.02 -15.92
C THR B 511 -8.92 -14.26 -17.08
N PRO B 512 -8.12 -13.48 -17.83
CA PRO B 512 -8.71 -12.69 -18.93
C PRO B 512 -9.40 -13.53 -19.98
N GLN B 513 -9.13 -14.84 -20.05
CA GLN B 513 -9.81 -15.70 -21.00
C GLN B 513 -11.32 -15.62 -20.78
N GLN B 514 -11.76 -15.84 -19.55
CA GLN B 514 -13.17 -15.84 -19.21
C GLN B 514 -13.70 -14.44 -18.91
N VAL B 515 -13.04 -13.41 -19.42
CA VAL B 515 -13.47 -12.03 -19.20
C VAL B 515 -13.65 -11.31 -20.53
N ALA B 516 -12.59 -11.27 -21.35
CA ALA B 516 -12.60 -10.45 -22.55
C ALA B 516 -11.96 -11.17 -23.74
N HIS B 517 -12.32 -12.42 -23.97
CA HIS B 517 -11.87 -13.12 -25.18
C HIS B 517 -12.99 -13.85 -25.90
N ALA B 518 -14.26 -13.52 -25.60
CA ALA B 518 -15.42 -14.02 -26.33
C ALA B 518 -15.43 -15.54 -26.25
N GLN B 519 -15.46 -16.26 -27.37
CA GLN B 519 -15.44 -17.72 -27.36
C GLN B 519 -14.02 -18.25 -27.25
#